data_3GP9
#
_entry.id   3GP9
#
_cell.length_a   79.482
_cell.length_b   152.951
_cell.length_c   183.858
_cell.angle_alpha   90.00
_cell.angle_beta   90.00
_cell.angle_gamma   90.00
#
_symmetry.space_group_name_H-M   'C 2 2 21'
#
loop_
_entity.id
_entity.type
_entity.pdbx_description
1 polymer 'Nucleoside diphosphate kinase'
2 non-polymer "GUANOSINE-5'-DIPHOSPHATE"
3 non-polymer 'PHOSPHATE ION'
4 non-polymer 'MAGNESIUM ION'
5 water water
#
_entity_poly.entity_id   1
_entity_poly.type   'polypeptide(L)'
_entity_poly.pdbx_seq_one_letter_code
;YKKAGLQRTLVLIKPDAFERSLVAEIMGRIEKKNFKIVSMKFWSKAPRNLIEQHYKEHSEQSYFNDNCDFMVSGPIISIV
YEGTDAISKIRRLQGNILTPGTIRGDLANDIRENLIHASDSEDSAVDEISIWFPETKMETDN
;
_entity_poly.pdbx_strand_id   A,B,C,D,E,F
#
loop_
_chem_comp.id
_chem_comp.type
_chem_comp.name
_chem_comp.formula
GDP RNA linking GUANOSINE-5'-DIPHOSPHATE 'C10 H15 N5 O11 P2'
MG non-polymer 'MAGNESIUM ION' 'Mg 2'
PO4 non-polymer 'PHOSPHATE ION' 'O4 P -3'
#
# COMPACT_ATOMS: atom_id res chain seq x y z
N ALA A 4 12.89 18.09 -27.91
CA ALA A 4 13.05 17.94 -26.47
C ALA A 4 14.50 18.02 -26.04
N GLY A 5 15.32 17.10 -26.56
CA GLY A 5 16.74 17.06 -26.23
C GLY A 5 17.62 17.16 -27.47
N LEU A 6 17.06 17.75 -28.53
CA LEU A 6 17.78 17.90 -29.79
C LEU A 6 18.97 18.83 -29.62
N GLN A 7 20.12 18.44 -30.17
CA GLN A 7 21.32 19.27 -30.12
C GLN A 7 22.04 19.23 -31.46
N ARG A 8 22.96 20.16 -31.63
CA ARG A 8 23.89 20.11 -32.74
C ARG A 8 25.32 20.02 -32.23
N THR A 9 26.14 19.27 -32.94
CA THR A 9 27.54 19.14 -32.57
C THR A 9 28.44 19.24 -33.80
N LEU A 10 29.72 19.55 -33.59
CA LEU A 10 30.64 19.67 -34.72
C LEU A 10 31.59 18.48 -34.79
N VAL A 11 31.65 17.87 -35.98
CA VAL A 11 32.57 16.77 -36.24
C VAL A 11 33.57 17.18 -37.31
N LEU A 12 34.84 16.85 -37.08
CA LEU A 12 35.85 16.94 -38.13
C LEU A 12 36.29 15.54 -38.53
N ILE A 13 36.29 15.27 -39.83
CA ILE A 13 36.94 14.06 -40.34
C ILE A 13 38.37 14.46 -40.70
N LYS A 14 39.35 13.81 -40.06
CA LYS A 14 40.74 14.26 -40.15
C LYS A 14 41.48 13.73 -41.38
N PRO A 15 42.66 14.32 -41.70
CA PRO A 15 43.41 13.93 -42.90
C PRO A 15 43.75 12.44 -42.96
N ASP A 16 43.97 11.79 -41.82
CA ASP A 16 44.29 10.37 -41.84
C ASP A 16 43.13 9.50 -42.33
N ALA A 17 41.91 9.98 -42.14
CA ALA A 17 40.74 9.27 -42.64
C ALA A 17 40.74 9.25 -44.17
N PHE A 18 41.22 10.33 -44.79
CA PHE A 18 41.30 10.38 -46.25
C PHE A 18 42.44 9.51 -46.74
N GLU A 19 43.59 9.61 -46.07
CA GLU A 19 44.75 8.82 -46.41
C GLU A 19 44.44 7.33 -46.36
N ARG A 20 43.62 6.92 -45.40
CA ARG A 20 43.32 5.50 -45.22
C ARG A 20 41.97 5.07 -45.80
N SER A 21 41.31 5.97 -46.52
CA SER A 21 40.02 5.66 -47.15
C SER A 21 38.97 5.16 -46.16
N LEU A 22 38.85 5.87 -45.04
CA LEU A 22 37.87 5.52 -44.01
C LEU A 22 36.78 6.57 -43.84
N VAL A 23 36.67 7.49 -44.79
CA VAL A 23 35.72 8.59 -44.65
C VAL A 23 34.28 8.10 -44.52
N ALA A 24 33.86 7.25 -45.44
CA ALA A 24 32.50 6.73 -45.43
C ALA A 24 32.27 5.85 -44.21
N GLU A 25 33.30 5.08 -43.81
CA GLU A 25 33.17 4.20 -42.66
C GLU A 25 32.83 4.98 -41.40
N ILE A 26 33.52 6.09 -41.20
CA ILE A 26 33.29 6.98 -40.07
C ILE A 26 31.91 7.66 -40.14
N MET A 27 31.58 8.25 -41.29
CA MET A 27 30.30 8.91 -41.46
C MET A 27 29.14 7.91 -41.30
N GLY A 28 29.36 6.68 -41.78
CA GLY A 28 28.36 5.63 -41.70
C GLY A 28 27.99 5.24 -40.28
N ARG A 29 28.99 5.21 -39.39
CA ARG A 29 28.72 4.90 -37.99
C ARG A 29 27.84 5.95 -37.34
N ILE A 30 28.06 7.21 -37.70
CA ILE A 30 27.22 8.27 -37.18
C ILE A 30 25.83 8.23 -37.79
N GLU A 31 25.76 7.95 -39.10
CA GLU A 31 24.49 7.85 -39.80
C GLU A 31 23.64 6.71 -39.23
N LYS A 32 24.29 5.59 -38.91
CA LYS A 32 23.58 4.41 -38.41
C LYS A 32 22.99 4.61 -37.01
N LYS A 33 23.53 5.59 -36.28
CA LYS A 33 23.04 5.94 -34.95
C LYS A 33 21.92 6.98 -35.03
N ASN A 34 21.53 7.30 -36.26
CA ASN A 34 20.35 8.11 -36.54
C ASN A 34 20.55 9.62 -36.38
N PHE A 35 21.81 10.07 -36.53
CA PHE A 35 22.09 11.50 -36.54
C PHE A 35 22.11 12.04 -37.97
N LYS A 36 21.66 13.28 -38.12
CA LYS A 36 21.46 13.87 -39.45
C LYS A 36 22.44 15.00 -39.73
N ILE A 37 22.91 15.08 -40.97
CA ILE A 37 23.77 16.18 -41.40
C ILE A 37 22.96 17.46 -41.60
N VAL A 38 23.39 18.54 -40.94
CA VAL A 38 22.73 19.83 -41.04
C VAL A 38 23.54 20.77 -41.93
N SER A 39 24.86 20.67 -41.82
CA SER A 39 25.78 21.46 -42.62
C SER A 39 27.02 20.62 -42.86
N MET A 40 27.70 20.83 -43.98
CA MET A 40 28.92 20.10 -44.27
C MET A 40 29.80 20.83 -45.29
N LYS A 41 31.10 20.93 -44.99
CA LYS A 41 32.06 21.54 -45.90
C LYS A 41 33.25 20.62 -46.13
N PHE A 42 33.71 20.56 -47.38
CA PHE A 42 34.95 19.87 -47.71
C PHE A 42 36.08 20.87 -47.87
N TRP A 43 37.20 20.62 -47.19
CA TRP A 43 38.37 21.47 -47.28
C TRP A 43 39.54 20.67 -47.85
N SER A 44 40.01 21.02 -49.04
CA SER A 44 41.18 20.35 -49.59
C SER A 44 42.36 20.53 -48.65
N LYS A 45 42.40 21.69 -48.01
CA LYS A 45 43.37 21.98 -46.95
C LYS A 45 42.77 23.04 -46.05
N ALA A 46 42.59 22.72 -44.78
CA ALA A 46 41.99 23.69 -43.86
C ALA A 46 42.99 24.81 -43.56
N PRO A 47 42.49 26.05 -43.49
CA PRO A 47 43.34 27.19 -43.11
C PRO A 47 43.95 26.96 -41.73
N ARG A 48 45.23 27.20 -41.61
CA ARG A 48 45.92 27.07 -40.33
C ARG A 48 45.21 27.85 -39.24
N ASN A 49 44.67 29.00 -39.60
CA ASN A 49 43.99 29.86 -38.64
C ASN A 49 42.78 29.21 -38.00
N LEU A 50 42.00 28.47 -38.79
CA LEU A 50 40.82 27.79 -38.27
C LEU A 50 41.24 26.66 -37.33
N ILE A 51 42.26 25.92 -37.74
CA ILE A 51 42.80 24.84 -36.93
C ILE A 51 43.30 25.35 -35.58
N GLU A 52 43.98 26.50 -35.59
CA GLU A 52 44.52 27.05 -34.34
C GLU A 52 43.41 27.54 -33.40
N GLN A 53 42.34 28.10 -33.97
CA GLN A 53 41.19 28.50 -33.16
C GLN A 53 40.47 27.28 -32.61
N HIS A 54 40.28 26.27 -33.46
CA HIS A 54 39.63 25.03 -33.04
C HIS A 54 40.33 24.44 -31.82
N TYR A 55 41.66 24.40 -31.88
CA TYR A 55 42.45 23.81 -30.79
C TYR A 55 43.06 24.87 -29.87
N LYS A 56 42.37 26.01 -29.75
CA LYS A 56 42.87 27.10 -28.91
C LYS A 56 43.16 26.67 -27.48
N GLU A 57 42.30 25.81 -26.93
CA GLU A 57 42.45 25.36 -25.54
C GLU A 57 43.73 24.55 -25.32
N HIS A 58 44.36 24.13 -26.41
CA HIS A 58 45.58 23.31 -26.34
C HIS A 58 46.82 24.13 -26.68
N SER A 59 46.65 25.43 -26.88
CA SER A 59 47.72 26.27 -27.43
C SER A 59 49.03 26.25 -26.65
N GLU A 60 48.96 26.02 -25.35
CA GLU A 60 50.18 25.98 -24.53
C GLU A 60 50.71 24.56 -24.32
N GLN A 61 50.13 23.59 -24.99
CA GLN A 61 50.58 22.21 -24.87
C GLN A 61 51.73 21.91 -25.83
N SER A 62 52.58 20.96 -25.47
CA SER A 62 53.76 20.62 -26.25
C SER A 62 53.39 20.10 -27.63
N TYR A 63 52.21 19.51 -27.75
CA TYR A 63 51.80 18.84 -28.99
C TYR A 63 51.05 19.77 -29.94
N PHE A 64 50.85 21.01 -29.52
CA PHE A 64 50.01 21.94 -30.28
C PHE A 64 50.42 22.15 -31.73
N ASN A 65 51.67 22.56 -31.96
CA ASN A 65 52.13 22.85 -33.31
C ASN A 65 52.14 21.63 -34.23
N ASP A 66 52.57 20.50 -33.69
CA ASP A 66 52.62 19.27 -34.46
C ASP A 66 51.23 18.80 -34.86
N ASN A 67 50.29 18.91 -33.93
CA ASN A 67 48.90 18.59 -34.23
C ASN A 67 48.32 19.49 -35.31
N CYS A 68 48.65 20.78 -35.26
CA CYS A 68 48.22 21.71 -36.30
C CYS A 68 48.81 21.32 -37.66
N ASP A 69 50.09 20.96 -37.67
CA ASP A 69 50.74 20.53 -38.91
C ASP A 69 50.01 19.32 -39.51
N PHE A 70 49.72 18.35 -38.65
CA PHE A 70 49.00 17.16 -39.07
C PHE A 70 47.65 17.54 -39.69
N MET A 71 46.92 18.40 -38.99
CA MET A 71 45.58 18.78 -39.40
C MET A 71 45.52 19.55 -40.72
N VAL A 72 46.66 20.05 -41.18
CA VAL A 72 46.70 20.71 -42.49
C VAL A 72 47.44 19.87 -43.53
N SER A 73 47.75 18.62 -43.18
CA SER A 73 48.54 17.76 -44.06
C SER A 73 47.73 17.10 -45.16
N GLY A 74 46.41 17.27 -45.11
CA GLY A 74 45.53 16.67 -46.09
C GLY A 74 44.13 17.21 -45.90
N PRO A 75 43.15 16.70 -46.65
CA PRO A 75 41.79 17.25 -46.59
C PRO A 75 41.14 17.03 -45.23
N ILE A 76 40.14 17.84 -44.92
CA ILE A 76 39.25 17.55 -43.81
C ILE A 76 37.82 17.84 -44.21
N ILE A 77 36.87 17.18 -43.56
CA ILE A 77 35.47 17.51 -43.73
C ILE A 77 34.96 18.00 -42.39
N SER A 78 34.32 19.16 -42.39
CA SER A 78 33.68 19.65 -41.18
C SER A 78 32.18 19.46 -41.34
N ILE A 79 31.54 18.88 -40.33
CA ILE A 79 30.12 18.53 -40.41
C ILE A 79 29.40 18.97 -39.13
N VAL A 80 28.20 19.54 -39.28
CA VAL A 80 27.35 19.74 -38.12
C VAL A 80 26.28 18.65 -38.13
N TYR A 81 26.23 17.88 -37.06
CA TYR A 81 25.23 16.83 -36.92
C TYR A 81 24.14 17.23 -35.93
N GLU A 82 22.92 16.75 -36.18
CA GLU A 82 21.79 17.06 -35.31
C GLU A 82 21.07 15.80 -34.87
N GLY A 83 20.66 15.77 -33.60
CA GLY A 83 19.85 14.68 -33.11
C GLY A 83 19.73 14.75 -31.62
N THR A 84 18.95 13.84 -31.04
CA THR A 84 18.78 13.78 -29.60
C THR A 84 20.12 13.56 -28.92
N ASP A 85 20.48 14.46 -28.00
CA ASP A 85 21.69 14.29 -27.20
C ASP A 85 22.94 14.11 -28.08
N ALA A 86 22.93 14.75 -29.25
CA ALA A 86 23.99 14.57 -30.25
C ALA A 86 25.41 14.75 -29.70
N ILE A 87 25.63 15.75 -28.87
CA ILE A 87 26.98 16.05 -28.41
C ILE A 87 27.60 14.88 -27.65
N SER A 88 26.97 14.44 -26.57
CA SER A 88 27.53 13.33 -25.83
C SER A 88 27.46 12.00 -26.61
N LYS A 89 26.41 11.80 -27.40
CA LYS A 89 26.27 10.53 -28.13
C LYS A 89 27.35 10.36 -29.20
N ILE A 90 27.63 11.43 -29.93
CA ILE A 90 28.66 11.35 -30.95
C ILE A 90 30.05 11.31 -30.32
N ARG A 91 30.21 11.95 -29.17
CA ARG A 91 31.46 11.80 -28.42
C ARG A 91 31.70 10.35 -27.99
N ARG A 92 30.64 9.66 -27.56
CA ARG A 92 30.75 8.25 -27.17
C ARG A 92 31.06 7.36 -28.39
N LEU A 93 30.44 7.69 -29.51
CA LEU A 93 30.73 7.02 -30.77
C LEU A 93 32.21 7.20 -31.13
N GLN A 94 32.72 8.42 -30.93
CA GLN A 94 34.12 8.71 -31.18
C GLN A 94 35.03 7.83 -30.34
N GLY A 95 34.77 7.80 -29.04
CA GLY A 95 35.54 6.96 -28.14
C GLY A 95 37.02 7.31 -28.08
N ASN A 96 37.84 6.29 -27.84
CA ASN A 96 39.29 6.48 -27.76
C ASN A 96 39.98 5.21 -28.25
N ILE A 97 41.30 5.27 -28.43
CA ILE A 97 41.98 4.16 -29.08
C ILE A 97 42.05 2.92 -28.20
N LEU A 98 41.58 3.05 -26.96
CA LEU A 98 41.57 1.92 -26.03
C LEU A 98 40.24 1.16 -25.95
N THR A 99 39.22 1.65 -26.65
CA THR A 99 37.87 1.13 -26.44
C THR A 99 37.25 0.58 -27.72
N PRO A 100 37.35 -0.74 -27.93
CA PRO A 100 36.74 -1.31 -29.13
C PRO A 100 35.23 -1.10 -29.15
N GLY A 101 34.66 -1.00 -30.35
CA GLY A 101 33.26 -0.67 -30.51
C GLY A 101 33.08 0.78 -30.90
N THR A 102 34.07 1.61 -30.59
CA THR A 102 34.02 3.02 -30.97
C THR A 102 34.85 3.28 -32.24
N ILE A 103 34.71 4.46 -32.83
CA ILE A 103 35.44 4.79 -34.03
C ILE A 103 36.95 4.74 -33.81
N ARG A 104 37.44 5.48 -32.82
CA ARG A 104 38.86 5.46 -32.51
C ARG A 104 39.32 4.08 -32.03
N GLY A 105 38.46 3.41 -31.25
CA GLY A 105 38.82 2.11 -30.70
C GLY A 105 38.92 1.01 -31.73
N ASP A 106 38.09 1.08 -32.76
CA ASP A 106 38.10 0.08 -33.82
C ASP A 106 39.12 0.40 -34.92
N LEU A 107 39.36 1.68 -35.16
CA LEU A 107 40.01 2.09 -36.39
C LEU A 107 41.33 2.88 -36.25
N ALA A 108 41.60 3.41 -35.06
CA ALA A 108 42.80 4.22 -34.86
C ALA A 108 43.76 3.60 -33.87
N ASN A 109 45.04 3.94 -33.98
CA ASN A 109 46.06 3.44 -33.07
C ASN A 109 47.14 4.47 -32.76
N ASP A 110 46.77 5.74 -32.74
CA ASP A 110 47.69 6.84 -32.46
C ASP A 110 46.91 7.97 -31.80
N ILE A 111 47.53 8.69 -30.87
CA ILE A 111 46.79 9.75 -30.19
C ILE A 111 46.79 11.09 -30.94
N ARG A 112 47.53 11.18 -32.04
CA ARG A 112 47.40 12.34 -32.92
C ARG A 112 46.58 12.00 -34.15
N GLU A 113 46.97 10.93 -34.83
CA GLU A 113 46.24 10.48 -36.00
C GLU A 113 45.07 9.59 -35.57
N ASN A 114 43.99 10.23 -35.14
CA ASN A 114 42.86 9.49 -34.58
C ASN A 114 41.52 9.77 -35.28
N LEU A 115 41.61 10.11 -36.57
CA LEU A 115 40.49 10.03 -37.52
C LEU A 115 39.36 11.05 -37.41
N ILE A 116 38.94 11.36 -36.19
CA ILE A 116 37.74 12.15 -36.00
C ILE A 116 37.85 13.06 -34.78
N HIS A 117 37.31 14.27 -34.91
CA HIS A 117 37.05 15.10 -33.74
C HIS A 117 35.55 15.30 -33.61
N ALA A 118 35.06 15.30 -32.36
CA ALA A 118 33.68 15.65 -32.07
C ALA A 118 33.68 16.58 -30.86
N SER A 119 32.81 17.59 -30.86
CA SER A 119 32.71 18.51 -29.72
C SER A 119 32.47 17.78 -28.41
N ASP A 120 33.06 18.28 -27.33
CA ASP A 120 32.97 17.56 -26.05
C ASP A 120 31.97 18.16 -25.06
N SER A 121 31.34 19.26 -25.42
CA SER A 121 30.35 19.90 -24.54
C SER A 121 29.49 20.89 -25.31
N GLU A 122 28.43 21.38 -24.66
CA GLU A 122 27.57 22.37 -25.30
C GLU A 122 28.34 23.64 -25.61
N ASP A 123 29.22 24.04 -24.70
CA ASP A 123 30.05 25.22 -24.89
C ASP A 123 31.01 25.04 -26.07
N SER A 124 31.68 23.89 -26.10
CA SER A 124 32.61 23.55 -27.17
C SER A 124 31.92 23.53 -28.53
N ALA A 125 30.73 22.95 -28.57
CA ALA A 125 29.96 22.80 -29.81
C ALA A 125 29.58 24.16 -30.40
N VAL A 126 29.06 25.05 -29.55
CA VAL A 126 28.71 26.39 -30.01
C VAL A 126 29.92 27.07 -30.63
N ASP A 127 31.05 27.00 -29.92
CA ASP A 127 32.28 27.64 -30.38
C ASP A 127 32.81 27.04 -31.67
N GLU A 128 32.86 25.71 -31.73
CA GLU A 128 33.42 25.05 -32.90
C GLU A 128 32.53 25.22 -34.14
N ILE A 129 31.22 25.14 -33.95
CA ILE A 129 30.30 25.37 -35.05
C ILE A 129 30.48 26.78 -35.61
N SER A 130 30.71 27.74 -34.71
CA SER A 130 30.93 29.13 -35.13
C SER A 130 32.19 29.27 -35.97
N ILE A 131 33.23 28.51 -35.61
CA ILE A 131 34.50 28.58 -36.31
C ILE A 131 34.41 28.06 -37.74
N TRP A 132 33.75 26.91 -37.90
CA TRP A 132 33.72 26.22 -39.17
C TRP A 132 32.54 26.64 -40.05
N PHE A 133 31.47 27.11 -39.41
CA PHE A 133 30.28 27.55 -40.11
C PHE A 133 29.84 28.92 -39.60
N PRO A 134 30.66 29.94 -39.83
CA PRO A 134 30.45 31.32 -39.35
C PRO A 134 29.15 31.94 -39.87
N GLU A 135 28.57 31.34 -40.90
CA GLU A 135 27.37 31.89 -41.51
C GLU A 135 26.11 31.61 -40.70
N THR A 136 26.30 31.33 -39.40
CA THR A 136 25.22 31.03 -38.47
C THR A 136 23.83 31.23 -39.06
N LEU B 6 -10.32 -1.71 44.32
CA LEU B 6 -11.30 -2.61 44.93
C LEU B 6 -11.84 -2.05 46.23
N GLN B 7 -13.16 -2.03 46.38
CA GLN B 7 -13.79 -1.49 47.57
C GLN B 7 -14.94 -2.37 48.03
N ARG B 8 -15.36 -2.16 49.28
CA ARG B 8 -16.58 -2.79 49.77
C ARG B 8 -17.55 -1.71 50.21
N THR B 9 -18.83 -1.97 50.00
CA THR B 9 -19.87 -1.01 50.39
C THR B 9 -21.05 -1.76 51.01
N LEU B 10 -21.85 -1.05 51.79
CA LEU B 10 -23.04 -1.63 52.41
C LEU B 10 -24.31 -1.21 51.70
N VAL B 11 -25.15 -2.20 51.40
CA VAL B 11 -26.46 -1.99 50.82
C VAL B 11 -27.54 -2.52 51.76
N LEU B 12 -28.60 -1.73 51.94
CA LEU B 12 -29.81 -2.24 52.56
C LEU B 12 -30.89 -2.32 51.50
N ILE B 13 -31.55 -3.47 51.42
CA ILE B 13 -32.79 -3.59 50.65
C ILE B 13 -33.96 -3.39 51.62
N LYS B 14 -34.78 -2.39 51.37
CA LYS B 14 -35.75 -1.88 52.36
C LYS B 14 -37.10 -2.60 52.34
N PRO B 15 -37.94 -2.41 53.38
CA PRO B 15 -39.20 -3.16 53.45
C PRO B 15 -40.12 -2.94 52.25
N ASP B 16 -40.04 -1.80 51.58
CA ASP B 16 -40.91 -1.55 50.43
C ASP B 16 -40.57 -2.46 49.24
N ALA B 17 -39.30 -2.85 49.15
CA ALA B 17 -38.88 -3.76 48.09
C ALA B 17 -39.52 -5.14 48.31
N PHE B 18 -39.65 -5.54 49.57
CA PHE B 18 -40.29 -6.81 49.89
C PHE B 18 -41.78 -6.73 49.59
N GLU B 19 -42.40 -5.62 49.97
CA GLU B 19 -43.83 -5.44 49.78
C GLU B 19 -44.21 -5.42 48.30
N ARG B 20 -43.33 -4.85 47.48
CA ARG B 20 -43.58 -4.72 46.05
C ARG B 20 -42.92 -5.82 45.20
N SER B 21 -42.29 -6.79 45.87
CA SER B 21 -41.65 -7.92 45.19
C SER B 21 -40.56 -7.47 44.22
N LEU B 22 -39.72 -6.55 44.67
CA LEU B 22 -38.67 -6.01 43.82
C LEU B 22 -37.27 -6.37 44.31
N VAL B 23 -37.19 -7.31 45.25
CA VAL B 23 -35.90 -7.68 45.84
C VAL B 23 -34.91 -8.19 44.80
N ALA B 24 -35.34 -9.16 43.99
CA ALA B 24 -34.47 -9.72 42.96
C ALA B 24 -34.14 -8.70 41.88
N GLU B 25 -35.11 -7.87 41.51
CA GLU B 25 -34.88 -6.84 40.50
C GLU B 25 -33.75 -5.91 40.93
N ILE B 26 -33.77 -5.53 42.20
CA ILE B 26 -32.74 -4.64 42.75
C ILE B 26 -31.37 -5.31 42.82
N MET B 27 -31.31 -6.51 43.42
CA MET B 27 -30.06 -7.26 43.49
C MET B 27 -29.50 -7.58 42.11
N GLY B 28 -30.39 -7.82 41.16
CA GLY B 28 -30.00 -8.15 39.80
C GLY B 28 -29.29 -7.02 39.09
N ARG B 29 -29.73 -5.80 39.35
CA ARG B 29 -29.07 -4.64 38.74
C ARG B 29 -27.63 -4.49 39.23
N ILE B 30 -27.43 -4.78 40.51
CA ILE B 30 -26.10 -4.73 41.09
C ILE B 30 -25.24 -5.90 40.59
N GLU B 31 -25.84 -7.08 40.54
CA GLU B 31 -25.15 -8.26 39.99
C GLU B 31 -24.72 -8.07 38.52
N LYS B 32 -25.57 -7.44 37.72
CA LYS B 32 -25.29 -7.24 36.29
C LYS B 32 -24.13 -6.27 36.04
N LYS B 33 -23.86 -5.42 37.02
CA LYS B 33 -22.76 -4.45 36.94
C LYS B 33 -21.45 -5.07 37.43
N ASN B 34 -21.51 -6.37 37.75
CA ASN B 34 -20.35 -7.19 38.09
C ASN B 34 -19.85 -7.01 39.53
N PHE B 35 -20.72 -6.57 40.44
CA PHE B 35 -20.35 -6.51 41.84
C PHE B 35 -20.71 -7.81 42.54
N LYS B 36 -19.88 -8.23 43.49
CA LYS B 36 -20.02 -9.53 44.11
C LYS B 36 -20.44 -9.43 45.58
N ILE B 37 -21.30 -10.34 46.01
CA ILE B 37 -21.72 -10.42 47.41
C ILE B 37 -20.60 -11.01 48.25
N VAL B 38 -20.21 -10.29 49.30
CA VAL B 38 -19.17 -10.72 50.22
C VAL B 38 -19.77 -11.17 51.55
N SER B 39 -20.88 -10.55 51.94
CA SER B 39 -21.62 -10.89 53.14
C SER B 39 -23.09 -10.55 52.91
N MET B 40 -23.98 -11.28 53.58
CA MET B 40 -25.41 -10.98 53.47
C MET B 40 -26.19 -11.52 54.65
N LYS B 41 -27.08 -10.69 55.18
CA LYS B 41 -27.99 -11.09 56.26
C LYS B 41 -29.43 -10.72 55.93
N PHE B 42 -30.35 -11.62 56.25
CA PHE B 42 -31.78 -11.34 56.12
C PHE B 42 -32.37 -11.10 57.51
N TRP B 43 -33.09 -9.99 57.65
CA TRP B 43 -33.72 -9.63 58.93
C TRP B 43 -35.23 -9.62 58.74
N SER B 44 -35.95 -10.52 59.39
CA SER B 44 -37.41 -10.51 59.29
C SER B 44 -37.90 -9.16 59.77
N LYS B 45 -37.19 -8.64 60.78
CA LYS B 45 -37.40 -7.30 61.30
C LYS B 45 -36.09 -6.88 61.94
N ALA B 46 -35.46 -5.82 61.44
CA ALA B 46 -34.19 -5.37 61.97
C ALA B 46 -34.36 -4.82 63.38
N PRO B 47 -33.44 -5.17 64.30
CA PRO B 47 -33.50 -4.56 65.63
C PRO B 47 -33.43 -3.05 65.52
N ARG B 48 -34.27 -2.36 66.27
CA ARG B 48 -34.36 -0.91 66.12
C ARG B 48 -33.04 -0.18 66.39
N ASN B 49 -32.27 -0.69 67.35
CA ASN B 49 -31.02 -0.01 67.69
C ASN B 49 -30.04 0.04 66.50
N LEU B 50 -30.02 -1.03 65.70
CA LEU B 50 -29.21 -1.05 64.49
C LEU B 50 -29.67 0.01 63.49
N ILE B 51 -30.98 0.11 63.30
CA ILE B 51 -31.55 1.10 62.38
C ILE B 51 -31.23 2.52 62.83
N GLU B 52 -31.35 2.77 64.14
CA GLU B 52 -31.08 4.10 64.66
C GLU B 52 -29.60 4.48 64.54
N GLN B 53 -28.71 3.51 64.72
CA GLN B 53 -27.27 3.73 64.51
C GLN B 53 -27.02 4.06 63.04
N HIS B 54 -27.63 3.26 62.17
CA HIS B 54 -27.43 3.42 60.74
C HIS B 54 -27.80 4.83 60.30
N TYR B 55 -28.88 5.36 60.86
CA TYR B 55 -29.38 6.68 60.48
C TYR B 55 -29.01 7.76 61.49
N LYS B 56 -27.93 7.52 62.24
CA LYS B 56 -27.49 8.44 63.29
C LYS B 56 -27.26 9.86 62.78
N GLU B 57 -26.90 9.99 61.50
CA GLU B 57 -26.61 11.29 60.92
C GLU B 57 -27.87 12.14 60.86
N HIS B 58 -29.03 11.48 60.90
CA HIS B 58 -30.31 12.16 60.74
C HIS B 58 -31.06 12.32 62.06
N SER B 59 -30.38 12.07 63.17
CA SER B 59 -31.06 11.95 64.47
C SER B 59 -31.78 13.22 64.93
N GLU B 60 -31.39 14.35 64.39
CA GLU B 60 -31.95 15.63 64.81
C GLU B 60 -33.03 16.10 63.85
N GLN B 61 -33.20 15.38 62.74
CA GLN B 61 -34.20 15.73 61.74
C GLN B 61 -35.60 15.31 62.18
N SER B 62 -36.61 15.99 61.63
CA SER B 62 -37.98 15.76 62.04
C SER B 62 -38.48 14.38 61.65
N TYR B 63 -37.93 13.83 60.56
CA TYR B 63 -38.40 12.56 60.02
C TYR B 63 -37.69 11.35 60.62
N PHE B 64 -36.76 11.58 61.53
CA PHE B 64 -35.93 10.49 62.06
C PHE B 64 -36.73 9.29 62.57
N ASN B 65 -37.65 9.54 63.52
CA ASN B 65 -38.45 8.46 64.09
C ASN B 65 -39.34 7.78 63.07
N ASP B 66 -39.99 8.57 62.23
CA ASP B 66 -40.88 8.05 61.20
C ASP B 66 -40.14 7.19 60.18
N ASN B 67 -38.93 7.62 59.81
CA ASN B 67 -38.10 6.82 58.91
C ASN B 67 -37.67 5.51 59.55
N CYS B 68 -37.29 5.56 60.82
CA CYS B 68 -36.91 4.32 61.51
C CYS B 68 -38.10 3.37 61.60
N ASP B 69 -39.31 3.91 61.85
CA ASP B 69 -40.51 3.09 61.94
C ASP B 69 -40.76 2.38 60.61
N PHE B 70 -40.59 3.10 59.51
CA PHE B 70 -40.71 2.51 58.18
C PHE B 70 -39.69 1.39 58.02
N MET B 71 -38.47 1.64 58.46
CA MET B 71 -37.38 0.67 58.28
C MET B 71 -37.54 -0.61 59.09
N VAL B 72 -38.42 -0.61 60.09
CA VAL B 72 -38.74 -1.83 60.81
C VAL B 72 -40.16 -2.35 60.51
N SER B 73 -40.78 -1.82 59.46
CA SER B 73 -42.16 -2.17 59.14
C SER B 73 -42.26 -3.47 58.33
N GLY B 74 -41.10 -4.01 57.97
CA GLY B 74 -41.05 -5.25 57.20
C GLY B 74 -39.61 -5.72 57.17
N PRO B 75 -39.32 -6.76 56.39
CA PRO B 75 -37.96 -7.30 56.38
C PRO B 75 -36.97 -6.36 55.72
N ILE B 76 -35.69 -6.58 56.00
CA ILE B 76 -34.65 -5.96 55.21
C ILE B 76 -33.54 -6.97 54.97
N ILE B 77 -32.79 -6.75 53.90
CA ILE B 77 -31.58 -7.52 53.68
C ILE B 77 -30.41 -6.55 53.75
N SER B 78 -29.37 -6.90 54.51
CA SER B 78 -28.14 -6.12 54.50
C SER B 78 -27.06 -6.88 53.72
N ILE B 79 -26.38 -6.18 52.83
CA ILE B 79 -25.42 -6.83 51.95
C ILE B 79 -24.13 -6.03 51.90
N VAL B 80 -23.00 -6.73 51.96
CA VAL B 80 -21.73 -6.11 51.64
C VAL B 80 -21.36 -6.52 50.22
N TYR B 81 -21.19 -5.53 49.36
CA TYR B 81 -20.80 -5.78 47.97
C TYR B 81 -19.34 -5.41 47.78
N GLU B 82 -18.66 -6.13 46.89
CA GLU B 82 -17.25 -5.86 46.60
C GLU B 82 -17.02 -5.72 45.11
N GLY B 83 -16.17 -4.77 44.74
CA GLY B 83 -15.82 -4.56 43.35
C GLY B 83 -15.04 -3.28 43.16
N THR B 84 -14.55 -3.06 41.95
CA THR B 84 -13.83 -1.84 41.63
C THR B 84 -14.73 -0.62 41.84
N ASP B 85 -14.27 0.33 42.63
CA ASP B 85 -15.00 1.59 42.83
C ASP B 85 -16.42 1.37 43.35
N ALA B 86 -16.61 0.33 44.15
CA ALA B 86 -17.95 -0.13 44.52
C ALA B 86 -18.80 0.94 45.19
N ILE B 87 -18.20 1.75 46.05
CA ILE B 87 -18.98 2.73 46.80
C ILE B 87 -19.65 3.75 45.87
N SER B 88 -18.85 4.42 45.05
CA SER B 88 -19.39 5.38 44.11
C SER B 88 -20.29 4.73 43.06
N LYS B 89 -19.84 3.62 42.49
CA LYS B 89 -20.59 2.97 41.41
C LYS B 89 -21.96 2.46 41.85
N ILE B 90 -22.02 1.88 43.05
CA ILE B 90 -23.31 1.37 43.53
C ILE B 90 -24.21 2.52 43.98
N ARG B 91 -23.61 3.55 44.55
CA ARG B 91 -24.33 4.79 44.82
C ARG B 91 -24.97 5.37 43.55
N ARG B 92 -24.22 5.37 42.45
CA ARG B 92 -24.75 5.84 41.17
C ARG B 92 -25.87 4.97 40.64
N LEU B 93 -25.72 3.65 40.80
CA LEU B 93 -26.75 2.70 40.40
C LEU B 93 -28.04 2.92 41.18
N GLN B 94 -27.92 3.22 42.47
CA GLN B 94 -29.08 3.57 43.29
C GLN B 94 -29.77 4.82 42.74
N GLY B 95 -28.98 5.84 42.44
CA GLY B 95 -29.49 7.06 41.85
C GLY B 95 -30.51 7.76 42.73
N ASN B 96 -31.49 8.40 42.09
CA ASN B 96 -32.56 9.07 42.82
C ASN B 96 -33.85 9.00 42.02
N ILE B 97 -34.97 9.37 42.63
CA ILE B 97 -36.27 9.16 41.99
C ILE B 97 -36.49 10.05 40.76
N LEU B 98 -35.56 10.96 40.53
CA LEU B 98 -35.64 11.85 39.38
C LEU B 98 -34.96 11.28 38.12
N THR B 99 -34.07 10.30 38.32
CA THR B 99 -33.15 9.91 37.26
C THR B 99 -33.40 8.52 36.67
N PRO B 100 -34.10 8.45 35.53
CA PRO B 100 -34.34 7.18 34.85
C PRO B 100 -33.04 6.45 34.56
N GLY B 101 -33.07 5.13 34.60
CA GLY B 101 -31.90 4.31 34.39
C GLY B 101 -31.29 3.79 35.69
N THR B 102 -31.65 4.43 36.80
CA THR B 102 -31.15 4.02 38.11
C THR B 102 -32.22 3.24 38.86
N ILE B 103 -31.85 2.59 39.96
CA ILE B 103 -32.81 1.81 40.73
C ILE B 103 -33.96 2.70 41.24
N ARG B 104 -33.63 3.78 41.93
CA ARG B 104 -34.68 4.68 42.42
C ARG B 104 -35.42 5.40 41.28
N GLY B 105 -34.66 5.75 40.24
CA GLY B 105 -35.23 6.44 39.09
C GLY B 105 -36.24 5.62 38.31
N ASP B 106 -35.99 4.32 38.22
CA ASP B 106 -36.90 3.42 37.49
C ASP B 106 -38.02 2.87 38.36
N LEU B 107 -37.75 2.68 39.65
CA LEU B 107 -38.64 1.86 40.47
C LEU B 107 -39.28 2.54 41.68
N ALA B 108 -38.79 3.71 42.07
CA ALA B 108 -39.29 4.36 43.27
C ALA B 108 -39.88 5.74 42.94
N ASN B 109 -40.78 6.20 43.81
CA ASN B 109 -41.42 7.50 43.62
C ASN B 109 -41.79 8.17 44.94
N ASP B 110 -40.97 7.95 45.96
CA ASP B 110 -41.20 8.52 47.29
C ASP B 110 -39.86 8.89 47.91
N ILE B 111 -39.85 9.87 48.81
CA ILE B 111 -38.59 10.27 49.43
C ILE B 111 -38.22 9.40 50.62
N ARG B 112 -39.18 8.65 51.16
CA ARG B 112 -38.90 7.72 52.25
C ARG B 112 -38.88 6.27 51.76
N GLU B 113 -39.92 5.88 51.06
CA GLU B 113 -40.03 4.52 50.54
C GLU B 113 -39.28 4.47 49.20
N ASN B 114 -37.97 4.29 49.29
CA ASN B 114 -37.13 4.36 48.10
C ASN B 114 -36.24 3.14 47.92
N LEU B 115 -36.69 2.00 48.46
CA LEU B 115 -36.25 0.65 48.05
C LEU B 115 -34.88 0.16 48.51
N ILE B 116 -33.90 1.07 48.48
CA ILE B 116 -32.51 0.69 48.66
C ILE B 116 -31.69 1.80 49.32
N HIS B 117 -30.79 1.39 50.20
CA HIS B 117 -29.74 2.28 50.69
C HIS B 117 -28.39 1.76 50.25
N ALA B 118 -27.51 2.65 49.81
CA ALA B 118 -26.12 2.29 49.55
C ALA B 118 -25.22 3.34 50.21
N SER B 119 -24.11 2.89 50.80
CA SER B 119 -23.17 3.79 51.46
C SER B 119 -22.77 4.95 50.55
N ASP B 120 -22.67 6.15 51.13
CA ASP B 120 -22.39 7.33 50.32
C ASP B 120 -20.93 7.79 50.36
N SER B 121 -20.12 7.16 51.22
CA SER B 121 -18.71 7.54 51.33
C SER B 121 -17.88 6.40 51.89
N GLU B 122 -16.56 6.55 51.81
CA GLU B 122 -15.65 5.57 52.37
C GLU B 122 -15.88 5.41 53.87
N ASP B 123 -15.98 6.54 54.58
CA ASP B 123 -16.18 6.50 56.01
C ASP B 123 -17.50 5.85 56.40
N SER B 124 -18.57 6.23 55.72
CA SER B 124 -19.89 5.67 56.01
C SER B 124 -19.97 4.18 55.65
N ALA B 125 -19.26 3.77 54.60
CA ALA B 125 -19.21 2.36 54.26
C ALA B 125 -18.58 1.56 55.40
N VAL B 126 -17.44 2.04 55.90
CA VAL B 126 -16.77 1.36 57.00
C VAL B 126 -17.66 1.29 58.22
N ASP B 127 -18.31 2.41 58.53
CA ASP B 127 -19.18 2.49 59.71
C ASP B 127 -20.37 1.56 59.55
N GLU B 128 -21.05 1.64 58.41
CA GLU B 128 -22.25 0.84 58.17
C GLU B 128 -21.95 -0.66 58.13
N ILE B 129 -20.84 -1.03 57.51
CA ILE B 129 -20.44 -2.44 57.53
C ILE B 129 -20.25 -2.92 58.97
N SER B 130 -19.68 -2.07 59.82
CA SER B 130 -19.45 -2.42 61.21
C SER B 130 -20.75 -2.56 62.00
N ILE B 131 -21.76 -1.79 61.60
CA ILE B 131 -23.06 -1.86 62.27
C ILE B 131 -23.76 -3.17 61.94
N TRP B 132 -23.78 -3.53 60.67
CA TRP B 132 -24.57 -4.69 60.23
C TRP B 132 -23.79 -6.00 60.28
N PHE B 133 -22.47 -5.89 60.20
CA PHE B 133 -21.59 -7.06 60.22
C PHE B 133 -20.43 -6.84 61.19
N PRO B 134 -20.75 -6.75 62.50
CA PRO B 134 -19.75 -6.46 63.54
C PRO B 134 -18.61 -7.46 63.53
N GLU B 135 -18.90 -8.73 63.22
CA GLU B 135 -17.87 -9.76 63.17
C GLU B 135 -16.70 -9.34 62.27
N GLY C 5 56.26 2.50 -28.01
CA GLY C 5 56.16 2.64 -29.45
C GLY C 5 55.84 1.32 -30.13
N LEU C 6 56.53 1.05 -31.24
CA LEU C 6 56.30 -0.17 -32.01
C LEU C 6 56.56 -1.44 -31.21
N GLN C 7 55.65 -2.39 -31.34
CA GLN C 7 55.77 -3.68 -30.69
C GLN C 7 55.35 -4.75 -31.67
N ARG C 8 55.74 -5.98 -31.40
CA ARG C 8 55.21 -7.11 -32.14
C ARG C 8 54.54 -8.08 -31.19
N THR C 9 53.48 -8.72 -31.66
CA THR C 9 52.76 -9.66 -30.82
C THR C 9 52.36 -10.89 -31.64
N LEU C 10 52.04 -11.97 -30.96
CA LEU C 10 51.68 -13.20 -31.65
C LEU C 10 50.18 -13.47 -31.52
N VAL C 11 49.55 -13.72 -32.67
CA VAL C 11 48.14 -14.07 -32.71
C VAL C 11 48.00 -15.46 -33.29
N LEU C 12 47.15 -16.29 -32.68
CA LEU C 12 46.70 -17.52 -33.32
C LEU C 12 45.24 -17.37 -33.69
N ILE C 13 44.91 -17.75 -34.92
CA ILE C 13 43.50 -17.87 -35.31
C ILE C 13 43.14 -19.34 -35.13
N LYS C 14 42.11 -19.61 -34.32
CA LYS C 14 41.86 -20.95 -33.82
C LYS C 14 40.96 -21.80 -34.73
N PRO C 15 40.93 -23.13 -34.52
CA PRO C 15 40.17 -23.99 -35.44
C PRO C 15 38.68 -23.63 -35.56
N ASP C 16 38.11 -23.06 -34.51
CA ASP C 16 36.69 -22.69 -34.57
C ASP C 16 36.44 -21.56 -35.57
N ALA C 17 37.42 -20.67 -35.75
CA ALA C 17 37.31 -19.60 -36.74
C ALA C 17 37.19 -20.20 -38.14
N PHE C 18 37.95 -21.27 -38.39
CA PHE C 18 37.90 -21.92 -39.70
C PHE C 18 36.56 -22.59 -39.89
N GLU C 19 36.14 -23.31 -38.86
CA GLU C 19 34.89 -24.05 -38.92
C GLU C 19 33.71 -23.10 -39.17
N ARG C 20 33.77 -21.91 -38.59
CA ARG C 20 32.65 -20.98 -38.68
C ARG C 20 32.85 -19.90 -39.75
N SER C 21 33.91 -20.04 -40.53
CA SER C 21 34.22 -19.11 -41.62
C SER C 21 34.35 -17.66 -41.13
N LEU C 22 35.11 -17.48 -40.05
CA LEU C 22 35.31 -16.17 -39.46
C LEU C 22 36.77 -15.71 -39.54
N VAL C 23 37.57 -16.41 -40.33
CA VAL C 23 38.99 -16.10 -40.41
C VAL C 23 39.23 -14.66 -40.87
N ALA C 24 38.62 -14.30 -41.99
CA ALA C 24 38.81 -12.95 -42.54
C ALA C 24 38.19 -11.89 -41.65
N GLU C 25 37.05 -12.21 -41.03
CA GLU C 25 36.40 -11.28 -40.12
C GLU C 25 37.35 -10.89 -38.99
N ILE C 26 38.00 -11.89 -38.42
CA ILE C 26 38.93 -11.64 -37.31
C ILE C 26 40.18 -10.88 -37.76
N MET C 27 40.80 -11.34 -38.83
CA MET C 27 41.98 -10.68 -39.38
C MET C 27 41.66 -9.25 -39.81
N GLY C 28 40.48 -9.06 -40.36
CA GLY C 28 40.00 -7.75 -40.76
C GLY C 28 39.90 -6.75 -39.62
N ARG C 29 39.43 -7.21 -38.47
CA ARG C 29 39.32 -6.32 -37.31
C ARG C 29 40.71 -5.79 -36.91
N ILE C 30 41.72 -6.66 -36.98
CA ILE C 30 43.06 -6.26 -36.61
C ILE C 30 43.67 -5.35 -37.70
N GLU C 31 43.40 -5.69 -38.95
CA GLU C 31 43.89 -4.90 -40.07
C GLU C 31 43.29 -3.48 -40.05
N LYS C 32 42.02 -3.39 -39.67
CA LYS C 32 41.33 -2.09 -39.63
C LYS C 32 41.83 -1.17 -38.52
N LYS C 33 42.44 -1.74 -37.49
CA LYS C 33 43.03 -0.93 -36.43
C LYS C 33 44.48 -0.56 -36.74
N ASN C 34 44.90 -0.84 -37.97
CA ASN C 34 46.18 -0.38 -38.51
C ASN C 34 47.40 -1.20 -38.10
N PHE C 35 47.20 -2.47 -37.75
CA PHE C 35 48.33 -3.34 -37.46
C PHE C 35 48.73 -4.12 -38.71
N LYS C 36 50.03 -4.36 -38.83
CA LYS C 36 50.60 -4.96 -40.03
C LYS C 36 51.11 -6.37 -39.78
N ILE C 37 50.92 -7.23 -40.78
CA ILE C 37 51.47 -8.58 -40.76
C ILE C 37 52.97 -8.57 -41.06
N VAL C 38 53.76 -9.13 -40.16
CA VAL C 38 55.20 -9.20 -40.31
C VAL C 38 55.63 -10.62 -40.68
N SER C 39 54.94 -11.59 -40.09
CA SER C 39 55.16 -13.00 -40.41
C SER C 39 53.82 -13.71 -40.33
N MET C 40 53.68 -14.81 -41.08
CA MET C 40 52.45 -15.59 -41.03
C MET C 40 52.66 -17.01 -41.52
N LYS C 41 52.12 -17.97 -40.78
CA LYS C 41 52.14 -19.38 -41.19
C LYS C 41 50.75 -20.00 -41.09
N PHE C 42 50.42 -20.84 -42.06
CA PHE C 42 49.19 -21.62 -42.01
C PHE C 42 49.51 -23.07 -41.69
N TRP C 43 48.82 -23.62 -40.70
CA TRP C 43 48.99 -25.02 -40.29
C TRP C 43 47.69 -25.78 -40.50
N SER C 44 47.67 -26.73 -41.43
CA SER C 44 46.48 -27.54 -41.63
C SER C 44 46.15 -28.26 -40.33
N LYS C 45 47.21 -28.62 -39.61
CA LYS C 45 47.09 -29.16 -38.26
C LYS C 45 48.40 -28.82 -37.55
N ALA C 46 48.33 -28.02 -36.50
CA ALA C 46 49.54 -27.63 -35.78
C ALA C 46 50.15 -28.84 -35.09
N PRO C 47 51.49 -28.96 -35.15
CA PRO C 47 52.20 -30.01 -34.40
C PRO C 47 51.85 -29.88 -32.93
N ARG C 48 51.53 -31.00 -32.28
CA ARG C 48 51.06 -30.93 -30.91
C ARG C 48 52.11 -30.35 -29.95
N ASN C 49 53.38 -30.57 -30.24
CA ASN C 49 54.44 -30.06 -29.37
C ASN C 49 54.45 -28.52 -29.30
N LEU C 50 54.23 -27.88 -30.45
CA LEU C 50 54.12 -26.42 -30.52
C LEU C 50 52.95 -25.92 -29.68
N ILE C 51 51.80 -26.60 -29.82
CA ILE C 51 50.62 -26.25 -29.03
C ILE C 51 50.90 -26.40 -27.54
N GLU C 52 51.57 -27.49 -27.16
CA GLU C 52 51.86 -27.70 -25.75
C GLU C 52 52.87 -26.68 -25.21
N GLN C 53 53.84 -26.29 -26.03
CA GLN C 53 54.78 -25.23 -25.64
C GLN C 53 54.04 -23.91 -25.46
N HIS C 54 53.16 -23.62 -26.40
CA HIS C 54 52.40 -22.38 -26.39
C HIS C 54 51.59 -22.23 -25.10
N TYR C 55 50.98 -23.32 -24.65
CA TYR C 55 50.13 -23.31 -23.48
C TYR C 55 50.81 -23.88 -22.23
N LYS C 56 52.14 -23.90 -22.23
CA LYS C 56 52.90 -24.51 -21.14
C LYS C 56 52.57 -23.96 -19.74
N GLU C 57 52.19 -22.68 -19.67
CA GLU C 57 51.79 -22.07 -18.41
C GLU C 57 50.55 -22.74 -17.81
N HIS C 58 49.80 -23.46 -18.65
CA HIS C 58 48.54 -24.08 -18.23
C HIS C 58 48.69 -25.58 -18.00
N SER C 59 49.92 -26.07 -18.12
CA SER C 59 50.17 -27.51 -18.13
C SER C 59 49.66 -28.25 -16.90
N GLU C 60 49.44 -27.52 -15.81
CA GLU C 60 48.97 -28.14 -14.57
C GLU C 60 47.45 -28.06 -14.41
N GLN C 61 46.81 -27.32 -15.30
CA GLN C 61 45.37 -27.11 -15.20
C GLN C 61 44.56 -28.29 -15.73
N SER C 62 43.35 -28.43 -15.22
CA SER C 62 42.49 -29.56 -15.58
C SER C 62 42.10 -29.53 -17.06
N TYR C 63 42.12 -28.33 -17.65
CA TYR C 63 41.67 -28.17 -19.02
C TYR C 63 42.80 -28.28 -20.03
N PHE C 64 44.02 -28.47 -19.55
CA PHE C 64 45.19 -28.45 -20.44
C PHE C 64 45.10 -29.38 -21.65
N ASN C 65 44.92 -30.67 -21.40
CA ASN C 65 44.85 -31.64 -22.49
C ASN C 65 43.68 -31.39 -23.43
N ASP C 66 42.52 -31.05 -22.86
CA ASP C 66 41.32 -30.86 -23.67
C ASP C 66 41.46 -29.63 -24.57
N ASN C 67 42.08 -28.58 -24.03
CA ASN C 67 42.32 -27.37 -24.80
C ASN C 67 43.30 -27.65 -25.94
N CYS C 68 44.35 -28.41 -25.63
CA CYS C 68 45.31 -28.78 -26.66
C CYS C 68 44.65 -29.60 -27.76
N ASP C 69 43.76 -30.51 -27.37
CA ASP C 69 43.04 -31.33 -28.34
C ASP C 69 42.21 -30.45 -29.26
N PHE C 70 41.50 -29.48 -28.68
CA PHE C 70 40.73 -28.54 -29.49
C PHE C 70 41.64 -27.83 -30.50
N MET C 71 42.80 -27.40 -30.03
CA MET C 71 43.70 -26.60 -30.85
C MET C 71 44.37 -27.37 -32.00
N VAL C 72 44.29 -28.69 -31.97
CA VAL C 72 44.76 -29.50 -33.09
C VAL C 72 43.61 -30.13 -33.88
N SER C 73 42.37 -29.70 -33.60
CA SER C 73 41.17 -30.30 -34.20
C SER C 73 40.83 -29.75 -35.58
N GLY C 74 41.59 -28.73 -35.99
CA GLY C 74 41.40 -28.10 -37.28
C GLY C 74 42.60 -27.21 -37.54
N PRO C 75 42.57 -26.44 -38.64
CA PRO C 75 43.72 -25.59 -38.95
C PRO C 75 43.90 -24.44 -37.96
N ILE C 76 45.10 -23.89 -37.91
CA ILE C 76 45.32 -22.62 -37.25
C ILE C 76 46.21 -21.76 -38.11
N ILE C 77 46.12 -20.44 -37.91
CA ILE C 77 47.08 -19.53 -38.50
C ILE C 77 47.84 -18.84 -37.38
N SER C 78 49.17 -18.80 -37.49
CA SER C 78 49.98 -18.02 -36.55
C SER C 78 50.48 -16.77 -37.26
N ILE C 79 50.31 -15.62 -36.63
CA ILE C 79 50.63 -14.34 -37.23
C ILE C 79 51.43 -13.50 -36.25
N VAL C 80 52.49 -12.87 -36.74
CA VAL C 80 53.15 -11.84 -35.94
C VAL C 80 52.67 -10.51 -36.47
N TYR C 81 52.05 -9.72 -35.59
CA TYR C 81 51.55 -8.39 -35.95
C TYR C 81 52.47 -7.33 -35.37
N GLU C 82 52.59 -6.22 -36.09
CA GLU C 82 53.41 -5.11 -35.65
C GLU C 82 52.65 -3.78 -35.73
N GLY C 83 52.80 -2.98 -34.68
CA GLY C 83 52.24 -1.64 -34.64
C GLY C 83 52.44 -1.03 -33.26
N THR C 84 52.07 0.23 -33.10
CA THR C 84 52.21 0.90 -31.81
C THR C 84 51.41 0.19 -30.74
N ASP C 85 52.08 -0.15 -29.64
CA ASP C 85 51.42 -0.73 -28.47
C ASP C 85 50.65 -2.00 -28.86
N ALA C 86 51.19 -2.72 -29.84
CA ALA C 86 50.48 -3.86 -30.42
C ALA C 86 50.03 -4.90 -29.41
N ILE C 87 50.86 -5.18 -28.40
CA ILE C 87 50.51 -6.24 -27.46
C ILE C 87 49.20 -5.94 -26.72
N SER C 88 49.14 -4.79 -26.06
CA SER C 88 47.95 -4.41 -25.31
C SER C 88 46.74 -4.14 -26.22
N LYS C 89 46.99 -3.47 -27.33
CA LYS C 89 45.89 -3.07 -28.23
C LYS C 89 45.18 -4.26 -28.87
N ILE C 90 45.95 -5.26 -29.30
CA ILE C 90 45.35 -6.44 -29.91
C ILE C 90 44.72 -7.33 -28.83
N ARG C 91 45.33 -7.34 -27.65
CA ARG C 91 44.69 -7.99 -26.50
C ARG C 91 43.31 -7.39 -26.21
N ARG C 92 43.22 -6.06 -26.30
CA ARG C 92 41.93 -5.38 -26.08
C ARG C 92 40.92 -5.69 -27.18
N LEU C 93 41.41 -5.80 -28.42
CA LEU C 93 40.57 -6.14 -29.56
C LEU C 93 39.98 -7.53 -29.39
N GLN C 94 40.81 -8.47 -28.93
CA GLN C 94 40.36 -9.82 -28.62
C GLN C 94 39.25 -9.81 -27.58
N GLY C 95 39.48 -9.07 -26.49
CA GLY C 95 38.48 -8.95 -25.43
C GLY C 95 38.07 -10.27 -24.78
N ASN C 96 36.79 -10.38 -24.45
CA ASN C 96 36.25 -11.61 -23.87
C ASN C 96 34.77 -11.76 -24.25
N ILE C 97 34.19 -12.92 -23.95
CA ILE C 97 32.84 -13.21 -24.44
C ILE C 97 31.76 -12.36 -23.77
N LEU C 98 32.16 -11.58 -22.78
CA LEU C 98 31.24 -10.68 -22.07
C LEU C 98 31.20 -9.25 -22.62
N THR C 99 32.10 -8.92 -23.54
CA THR C 99 32.33 -7.52 -23.92
C THR C 99 32.04 -7.21 -25.39
N PRO C 100 30.80 -6.76 -25.70
CA PRO C 100 30.49 -6.43 -27.10
C PRO C 100 31.45 -5.37 -27.64
N GLY C 101 31.73 -5.43 -28.93
CA GLY C 101 32.72 -4.53 -29.52
C GLY C 101 34.02 -5.25 -29.80
N THR C 102 34.31 -6.28 -29.00
CA THR C 102 35.53 -7.05 -29.18
C THR C 102 35.30 -8.30 -30.03
N ILE C 103 36.37 -8.92 -30.50
CA ILE C 103 36.26 -10.14 -31.29
C ILE C 103 35.52 -11.23 -30.52
N ARG C 104 35.98 -11.52 -29.30
CA ARG C 104 35.32 -12.54 -28.50
C ARG C 104 33.90 -12.11 -28.08
N GLY C 105 33.74 -10.83 -27.78
CA GLY C 105 32.47 -10.31 -27.32
C GLY C 105 31.39 -10.35 -28.38
N ASP C 106 31.76 -10.15 -29.63
CA ASP C 106 30.80 -10.13 -30.73
C ASP C 106 30.56 -11.51 -31.35
N LEU C 107 31.58 -12.36 -31.31
CA LEU C 107 31.59 -13.56 -32.15
C LEU C 107 31.69 -14.90 -31.42
N ALA C 108 32.12 -14.90 -30.17
CA ALA C 108 32.32 -16.15 -29.43
C ALA C 108 31.38 -16.28 -28.23
N ASN C 109 31.10 -17.51 -27.84
CA ASN C 109 30.27 -17.73 -26.67
C ASN C 109 30.69 -18.99 -25.89
N ASP C 110 31.99 -19.23 -25.85
CA ASP C 110 32.52 -20.40 -25.17
C ASP C 110 33.88 -20.08 -24.54
N ILE C 111 34.15 -20.73 -23.42
CA ILE C 111 35.40 -20.56 -22.66
C ILE C 111 36.61 -21.07 -23.42
N ARG C 112 36.41 -22.08 -24.26
CA ARG C 112 37.50 -22.73 -24.96
C ARG C 112 37.48 -22.41 -26.45
N GLU C 113 36.31 -22.52 -27.07
CA GLU C 113 36.18 -22.17 -28.48
C GLU C 113 35.96 -20.67 -28.58
N ASN C 114 37.06 -19.93 -28.53
CA ASN C 114 37.01 -18.48 -28.49
C ASN C 114 37.83 -17.79 -29.58
N LEU C 115 38.03 -18.49 -30.70
CA LEU C 115 38.40 -17.90 -32.00
C LEU C 115 39.84 -17.41 -32.17
N ILE C 116 40.39 -16.79 -31.13
CA ILE C 116 41.67 -16.11 -31.27
C ILE C 116 42.48 -16.14 -29.99
N HIS C 117 43.80 -16.25 -30.14
CA HIS C 117 44.73 -16.01 -29.04
C HIS C 117 45.58 -14.80 -29.38
N ALA C 118 45.81 -13.93 -28.40
CA ALA C 118 46.79 -12.85 -28.54
C ALA C 118 47.68 -12.84 -27.31
N SER C 119 48.98 -12.66 -27.51
CA SER C 119 49.94 -12.61 -26.40
C SER C 119 49.47 -11.62 -25.33
N ASP C 120 49.64 -12.00 -24.07
CA ASP C 120 49.12 -11.18 -22.96
C ASP C 120 50.13 -10.25 -22.31
N SER C 121 51.38 -10.32 -22.73
CA SER C 121 52.43 -9.47 -22.17
C SER C 121 53.69 -9.46 -23.02
N GLU C 122 54.62 -8.57 -22.69
CA GLU C 122 55.89 -8.48 -23.41
C GLU C 122 56.66 -9.78 -23.39
N ASP C 123 56.75 -10.40 -22.21
CA ASP C 123 57.51 -11.64 -22.07
C ASP C 123 56.89 -12.79 -22.84
N SER C 124 55.57 -12.98 -22.71
CA SER C 124 54.89 -14.05 -23.43
C SER C 124 54.91 -13.83 -24.95
N ALA C 125 54.83 -12.58 -25.39
CA ALA C 125 54.94 -12.28 -26.82
C ALA C 125 56.29 -12.71 -27.37
N VAL C 126 57.35 -12.35 -26.66
CA VAL C 126 58.69 -12.78 -27.06
C VAL C 126 58.77 -14.29 -27.16
N ASP C 127 58.24 -14.96 -26.14
CA ASP C 127 58.28 -16.41 -26.06
C ASP C 127 57.43 -17.06 -27.14
N GLU C 128 56.21 -16.57 -27.31
CA GLU C 128 55.30 -17.15 -28.29
C GLU C 128 55.78 -16.96 -29.73
N ILE C 129 56.33 -15.80 -30.04
CA ILE C 129 56.91 -15.60 -31.37
C ILE C 129 58.04 -16.60 -31.64
N SER C 130 58.82 -16.93 -30.61
CA SER C 130 59.95 -17.85 -30.80
C SER C 130 59.45 -19.28 -30.99
N ILE C 131 58.32 -19.62 -30.36
CA ILE C 131 57.71 -20.93 -30.54
C ILE C 131 57.24 -21.15 -31.98
N TRP C 132 56.53 -20.15 -32.51
CA TRP C 132 55.92 -20.29 -33.84
C TRP C 132 56.81 -19.86 -34.99
N PHE C 133 57.76 -18.96 -34.73
CA PHE C 133 58.69 -18.47 -35.75
C PHE C 133 60.13 -18.49 -35.23
N PRO C 134 60.66 -19.69 -34.92
CA PRO C 134 62.02 -19.81 -34.35
C PRO C 134 63.10 -19.22 -35.26
N GLU C 135 62.79 -19.05 -36.54
CA GLU C 135 63.75 -18.50 -37.50
C GLU C 135 64.26 -17.11 -37.12
N THR C 136 63.43 -16.35 -36.41
CA THR C 136 63.80 -15.00 -36.02
C THR C 136 64.19 -14.92 -34.54
N GLY D 5 -47.41 16.62 45.85
CA GLY D 5 -48.40 15.62 46.25
C GLY D 5 -48.95 14.87 45.06
N LEU D 6 -50.11 14.24 45.24
CA LEU D 6 -50.74 13.47 44.18
C LEU D 6 -51.12 14.35 43.00
N GLN D 7 -50.82 13.86 41.80
CA GLN D 7 -51.22 14.51 40.57
C GLN D 7 -51.76 13.49 39.60
N ARG D 8 -52.45 13.98 38.57
CA ARG D 8 -52.81 13.13 37.45
C ARG D 8 -52.25 13.72 36.16
N THR D 9 -51.88 12.84 35.24
CA THR D 9 -51.30 13.26 33.97
C THR D 9 -51.90 12.43 32.86
N LEU D 10 -51.83 12.94 31.64
CA LEU D 10 -52.33 12.21 30.49
C LEU D 10 -51.20 11.64 29.62
N VAL D 11 -51.31 10.33 29.34
CA VAL D 11 -50.37 9.63 28.47
C VAL D 11 -51.08 9.09 27.24
N LEU D 12 -50.46 9.25 26.07
CA LEU D 12 -50.89 8.53 24.89
C LEU D 12 -49.84 7.50 24.48
N ILE D 13 -50.30 6.27 24.22
CA ILE D 13 -49.47 5.25 23.59
C ILE D 13 -49.75 5.33 22.09
N LYS D 14 -48.73 5.66 21.31
CA LYS D 14 -48.88 6.01 19.90
C LYS D 14 -48.89 4.80 18.96
N PRO D 15 -49.33 4.99 17.70
CA PRO D 15 -49.48 3.84 16.80
C PRO D 15 -48.19 3.06 16.57
N ASP D 16 -47.05 3.70 16.65
CA ASP D 16 -45.79 2.98 16.42
C ASP D 16 -45.53 1.95 17.52
N ALA D 17 -46.07 2.20 18.71
CA ALA D 17 -45.95 1.24 19.81
C ALA D 17 -46.71 -0.04 19.48
N PHE D 18 -47.88 0.12 18.85
CA PHE D 18 -48.66 -1.03 18.44
C PHE D 18 -47.97 -1.80 17.33
N GLU D 19 -47.44 -1.06 16.36
CA GLU D 19 -46.81 -1.67 15.20
C GLU D 19 -45.56 -2.46 15.60
N ARG D 20 -44.85 -1.93 16.60
CA ARG D 20 -43.59 -2.54 17.06
C ARG D 20 -43.76 -3.44 18.27
N SER D 21 -45.01 -3.61 18.70
CA SER D 21 -45.34 -4.49 19.82
C SER D 21 -44.61 -4.08 21.10
N LEU D 22 -44.66 -2.78 21.40
CA LEU D 22 -44.01 -2.25 22.60
C LEU D 22 -45.02 -1.68 23.60
N VAL D 23 -46.30 -1.97 23.39
CA VAL D 23 -47.34 -1.39 24.26
C VAL D 23 -47.11 -1.77 25.72
N ALA D 24 -46.95 -3.06 25.97
CA ALA D 24 -46.74 -3.54 27.33
C ALA D 24 -45.43 -3.05 27.93
N GLU D 25 -44.36 -3.00 27.12
CA GLU D 25 -43.08 -2.50 27.59
C GLU D 25 -43.20 -1.08 28.10
N ILE D 26 -43.88 -0.22 27.34
CA ILE D 26 -44.04 1.18 27.73
C ILE D 26 -44.89 1.31 29.00
N MET D 27 -46.05 0.67 29.01
CA MET D 27 -46.93 0.70 30.17
C MET D 27 -46.24 0.10 31.40
N GLY D 28 -45.43 -0.93 31.17
CA GLY D 28 -44.70 -1.57 32.25
C GLY D 28 -43.73 -0.65 32.95
N ARG D 29 -43.05 0.20 32.18
CA ARG D 29 -42.08 1.11 32.77
C ARG D 29 -42.77 2.10 33.70
N ILE D 30 -43.98 2.52 33.32
CA ILE D 30 -44.73 3.44 34.16
C ILE D 30 -45.27 2.70 35.39
N GLU D 31 -45.76 1.49 35.17
CA GLU D 31 -46.29 0.66 36.26
C GLU D 31 -45.21 0.38 37.30
N LYS D 32 -43.99 0.14 36.82
CA LYS D 32 -42.88 -0.22 37.70
C LYS D 32 -42.41 0.94 38.56
N LYS D 33 -42.73 2.17 38.14
CA LYS D 33 -42.41 3.34 38.95
C LYS D 33 -43.53 3.70 39.91
N ASN D 34 -44.53 2.82 39.99
CA ASN D 34 -45.57 2.88 41.01
C ASN D 34 -46.70 3.88 40.71
N PHE D 35 -46.90 4.21 39.43
CA PHE D 35 -48.03 5.03 39.03
C PHE D 35 -49.21 4.16 38.67
N LYS D 36 -50.42 4.63 39.01
CA LYS D 36 -51.63 3.84 38.90
C LYS D 36 -52.56 4.37 37.81
N ILE D 37 -53.22 3.46 37.11
CA ILE D 37 -54.18 3.84 36.08
C ILE D 37 -55.47 4.29 36.74
N VAL D 38 -55.93 5.49 36.41
CA VAL D 38 -57.19 6.02 36.92
C VAL D 38 -58.30 5.84 35.89
N SER D 39 -57.93 5.97 34.61
CA SER D 39 -58.84 5.71 33.51
C SER D 39 -58.05 5.42 32.25
N MET D 40 -58.66 4.69 31.32
CA MET D 40 -57.97 4.28 30.13
C MET D 40 -58.96 3.96 29.03
N LYS D 41 -58.64 4.38 27.81
CA LYS D 41 -59.48 4.10 26.66
C LYS D 41 -58.61 3.62 25.50
N PHE D 42 -59.11 2.63 24.77
CA PHE D 42 -58.45 2.14 23.57
C PHE D 42 -59.18 2.66 22.33
N TRP D 43 -58.42 3.22 21.39
CA TRP D 43 -58.99 3.73 20.15
C TRP D 43 -58.39 2.98 18.97
N SER D 44 -59.19 2.16 18.31
CA SER D 44 -58.71 1.51 17.09
C SER D 44 -58.24 2.57 16.10
N LYS D 45 -58.92 3.71 16.13
CA LYS D 45 -58.53 4.88 15.35
C LYS D 45 -59.09 6.12 16.02
N ALA D 46 -58.20 6.95 16.55
CA ALA D 46 -58.61 8.17 17.24
C ALA D 46 -59.25 9.15 16.26
N PRO D 47 -60.41 9.69 16.62
CA PRO D 47 -61.02 10.74 15.79
C PRO D 47 -60.04 11.89 15.56
N ARG D 48 -59.98 12.35 14.31
CA ARG D 48 -59.06 13.40 13.90
C ARG D 48 -59.11 14.65 14.77
N ASN D 49 -60.32 15.04 15.17
CA ASN D 49 -60.50 16.27 15.93
C ASN D 49 -59.87 16.20 17.31
N LEU D 50 -59.96 15.04 17.94
CA LEU D 50 -59.30 14.83 19.22
C LEU D 50 -57.79 15.02 19.07
N ILE D 51 -57.23 14.42 18.02
CA ILE D 51 -55.79 14.55 17.75
C ILE D 51 -55.41 16.00 17.51
N GLU D 52 -56.23 16.71 16.73
CA GLU D 52 -55.96 18.12 16.43
C GLU D 52 -56.07 19.00 17.67
N GLN D 53 -57.05 18.70 18.53
CA GLN D 53 -57.17 19.42 19.81
C GLN D 53 -55.93 19.16 20.65
N HIS D 54 -55.54 17.89 20.74
CA HIS D 54 -54.42 17.49 21.56
C HIS D 54 -53.16 18.27 21.20
N TYR D 55 -52.89 18.38 19.91
CA TYR D 55 -51.69 19.06 19.43
C TYR D 55 -51.95 20.49 18.94
N LYS D 56 -53.00 21.11 19.45
CA LYS D 56 -53.43 22.44 19.01
C LYS D 56 -52.30 23.46 19.06
N GLU D 57 -51.43 23.34 20.06
CA GLU D 57 -50.33 24.27 20.24
C GLU D 57 -49.35 24.22 19.06
N HIS D 58 -49.40 23.15 18.28
CA HIS D 58 -48.47 22.94 17.18
C HIS D 58 -49.09 23.21 15.81
N SER D 59 -50.29 23.78 15.80
CA SER D 59 -51.09 23.84 14.56
C SER D 59 -50.49 24.71 13.46
N GLU D 60 -49.54 25.57 13.81
CA GLU D 60 -48.91 26.45 12.82
C GLU D 60 -47.51 25.98 12.46
N GLN D 61 -47.17 24.77 12.85
CA GLN D 61 -45.89 24.18 12.49
C GLN D 61 -46.07 23.29 11.26
N SER D 62 -45.03 23.17 10.46
CA SER D 62 -45.11 22.42 9.21
C SER D 62 -45.37 20.93 9.46
N TYR D 63 -44.93 20.43 10.60
CA TYR D 63 -45.04 19.00 10.90
C TYR D 63 -46.43 18.61 11.41
N PHE D 64 -47.25 19.61 11.74
CA PHE D 64 -48.54 19.37 12.39
C PHE D 64 -49.43 18.36 11.68
N ASN D 65 -49.70 18.59 10.40
CA ASN D 65 -50.61 17.72 9.68
C ASN D 65 -50.05 16.32 9.48
N ASP D 66 -48.75 16.24 9.24
CA ASP D 66 -48.08 14.95 9.09
C ASP D 66 -48.17 14.14 10.39
N ASN D 67 -48.01 14.82 11.52
CA ASN D 67 -48.14 14.17 12.83
C ASN D 67 -49.54 13.65 13.10
N CYS D 68 -50.55 14.42 12.72
CA CYS D 68 -51.94 14.00 12.87
C CYS D 68 -52.22 12.75 12.04
N ASP D 69 -51.72 12.72 10.82
CA ASP D 69 -51.85 11.55 9.95
C ASP D 69 -51.28 10.31 10.65
N PHE D 70 -50.05 10.45 11.13
CA PHE D 70 -49.37 9.38 11.87
C PHE D 70 -50.21 8.93 13.07
N MET D 71 -50.72 9.89 13.82
CA MET D 71 -51.45 9.60 15.05
C MET D 71 -52.80 8.91 14.81
N VAL D 72 -53.29 8.93 13.58
CA VAL D 72 -54.50 8.19 13.24
C VAL D 72 -54.22 6.99 12.35
N SER D 73 -52.93 6.72 12.10
CA SER D 73 -52.53 5.63 11.23
C SER D 73 -52.71 4.25 11.87
N GLY D 74 -52.97 4.23 13.17
CA GLY D 74 -53.13 2.98 13.90
C GLY D 74 -53.75 3.24 15.26
N PRO D 75 -53.86 2.21 16.10
CA PRO D 75 -54.53 2.37 17.39
C PRO D 75 -53.74 3.29 18.31
N ILE D 76 -54.41 3.88 19.29
CA ILE D 76 -53.73 4.54 20.40
C ILE D 76 -54.44 4.20 21.70
N ILE D 77 -53.71 4.32 22.80
CA ILE D 77 -54.34 4.19 24.11
C ILE D 77 -54.16 5.50 24.84
N SER D 78 -55.24 6.02 25.40
CA SER D 78 -55.17 7.22 26.21
C SER D 78 -55.32 6.81 27.67
N ILE D 79 -54.39 7.24 28.51
CA ILE D 79 -54.39 6.81 29.89
C ILE D 79 -54.26 8.00 30.84
N VAL D 80 -55.05 8.00 31.90
CA VAL D 80 -54.80 8.94 32.98
C VAL D 80 -54.07 8.20 34.10
N TYR D 81 -52.86 8.66 34.42
CA TYR D 81 -52.06 8.08 35.49
C TYR D 81 -52.09 8.97 36.73
N GLU D 82 -52.02 8.33 37.89
CA GLU D 82 -52.00 9.05 39.16
C GLU D 82 -50.85 8.63 40.04
N GLY D 83 -50.22 9.60 40.69
CA GLY D 83 -49.17 9.34 41.65
C GLY D 83 -48.51 10.62 42.08
N THR D 84 -47.64 10.53 43.09
CA THR D 84 -46.89 11.69 43.57
C THR D 84 -46.08 12.30 42.43
N ASP D 85 -46.30 13.60 42.19
CA ASP D 85 -45.51 14.34 41.20
C ASP D 85 -45.58 13.68 39.82
N ALA D 86 -46.75 13.12 39.50
CA ALA D 86 -46.92 12.32 38.29
C ALA D 86 -46.58 13.04 36.99
N ILE D 87 -46.90 14.32 36.90
CA ILE D 87 -46.69 15.04 35.65
C ILE D 87 -45.20 15.10 35.31
N SER D 88 -44.40 15.61 36.25
CA SER D 88 -42.96 15.72 36.02
C SER D 88 -42.29 14.34 35.91
N LYS D 89 -42.65 13.42 36.79
CA LYS D 89 -41.98 12.12 36.83
C LYS D 89 -42.22 11.28 35.56
N ILE D 90 -43.44 11.28 35.06
CA ILE D 90 -43.74 10.51 33.84
C ILE D 90 -43.18 11.19 32.60
N ARG D 91 -43.09 12.52 32.63
CA ARG D 91 -42.40 13.25 31.58
C ARG D 91 -40.91 12.87 31.51
N ARG D 92 -40.30 12.72 32.69
CA ARG D 92 -38.91 12.30 32.75
C ARG D 92 -38.74 10.86 32.25
N LEU D 93 -39.68 10.01 32.60
CA LEU D 93 -39.68 8.62 32.16
C LEU D 93 -39.78 8.56 30.63
N GLN D 94 -40.64 9.40 30.06
CA GLN D 94 -40.74 9.52 28.61
C GLN D 94 -39.39 9.90 27.98
N GLY D 95 -38.77 10.93 28.55
CA GLY D 95 -37.45 11.38 28.12
C GLY D 95 -37.40 11.85 26.66
N ASN D 96 -36.28 11.60 26.02
CA ASN D 96 -36.14 11.92 24.60
C ASN D 96 -35.23 10.93 23.92
N ILE D 97 -35.12 11.00 22.60
CA ILE D 97 -34.35 10.00 21.86
C ILE D 97 -32.84 10.07 22.09
N LEU D 98 -32.39 11.11 22.78
CA LEU D 98 -30.97 11.28 23.07
C LEU D 98 -30.56 10.66 24.39
N THR D 99 -31.53 10.32 25.22
CA THR D 99 -31.26 9.98 26.63
C THR D 99 -31.56 8.52 27.00
N PRO D 100 -30.54 7.65 26.97
CA PRO D 100 -30.77 6.25 27.36
C PRO D 100 -31.28 6.16 28.80
N GLY D 101 -32.10 5.15 29.07
CA GLY D 101 -32.67 4.97 30.39
C GLY D 101 -34.13 5.37 30.41
N THR D 102 -34.51 6.19 29.44
CA THR D 102 -35.89 6.65 29.31
C THR D 102 -36.60 5.86 28.23
N ILE D 103 -37.92 6.02 28.14
CA ILE D 103 -38.71 5.28 27.17
C ILE D 103 -38.29 5.66 25.75
N ARG D 104 -38.27 6.96 25.45
CA ARG D 104 -37.84 7.39 24.12
C ARG D 104 -36.35 7.09 23.89
N GLY D 105 -35.53 7.27 24.92
CA GLY D 105 -34.11 7.07 24.81
C GLY D 105 -33.71 5.63 24.51
N ASP D 106 -34.43 4.70 25.11
CA ASP D 106 -34.15 3.27 24.90
C ASP D 106 -34.80 2.68 23.65
N LEU D 107 -35.95 3.21 23.28
CA LEU D 107 -36.81 2.48 22.34
C LEU D 107 -37.15 3.23 21.04
N ALA D 108 -36.95 4.53 21.01
CA ALA D 108 -37.32 5.29 19.81
C ALA D 108 -36.11 5.91 19.13
N ASN D 109 -36.23 6.21 17.84
CA ASN D 109 -35.13 6.85 17.12
C ASN D 109 -35.63 7.77 16.02
N ASP D 110 -36.79 8.37 16.26
CA ASP D 110 -37.39 9.28 15.28
C ASP D 110 -38.10 10.40 16.02
N ILE D 111 -38.09 11.59 15.41
CA ILE D 111 -38.65 12.80 16.01
C ILE D 111 -40.18 12.80 16.03
N ARG D 112 -40.79 11.97 15.19
CA ARG D 112 -42.25 11.87 15.16
C ARG D 112 -42.75 10.54 15.70
N GLU D 113 -42.15 9.45 15.23
CA GLU D 113 -42.54 8.15 15.72
C GLU D 113 -41.76 7.88 17.00
N ASN D 114 -42.27 8.42 18.10
CA ASN D 114 -41.57 8.34 19.37
C ASN D 114 -42.42 7.73 20.50
N LEU D 115 -43.36 6.85 20.11
CA LEU D 115 -43.99 5.86 21.01
C LEU D 115 -44.97 6.37 22.07
N ILE D 116 -44.65 7.49 22.71
CA ILE D 116 -45.43 7.93 23.85
C ILE D 116 -45.54 9.45 23.96
N HIS D 117 -46.73 9.93 24.35
CA HIS D 117 -46.89 11.31 24.79
C HIS D 117 -47.21 11.35 26.27
N ALA D 118 -46.60 12.29 26.98
CA ALA D 118 -46.98 12.61 28.36
C ALA D 118 -47.12 14.11 28.56
N SER D 119 -48.16 14.54 29.27
CA SER D 119 -48.38 15.97 29.52
C SER D 119 -47.12 16.65 30.05
N ASP D 120 -46.88 17.88 29.58
CA ASP D 120 -45.64 18.58 29.93
C ASP D 120 -45.78 19.58 31.08
N SER D 121 -47.00 19.79 31.54
CA SER D 121 -47.24 20.77 32.60
C SER D 121 -48.58 20.55 33.28
N GLU D 122 -48.81 21.24 34.40
CA GLU D 122 -50.07 21.16 35.09
C GLU D 122 -51.21 21.62 34.18
N ASP D 123 -51.01 22.74 33.50
CA ASP D 123 -52.02 23.28 32.60
C ASP D 123 -52.35 22.33 31.46
N SER D 124 -51.32 21.82 30.79
CA SER D 124 -51.54 20.93 29.66
C SER D 124 -52.12 19.59 30.10
N ALA D 125 -51.81 19.16 31.33
CA ALA D 125 -52.40 17.94 31.87
C ALA D 125 -53.91 18.07 32.04
N VAL D 126 -54.35 19.16 32.66
CA VAL D 126 -55.78 19.41 32.83
C VAL D 126 -56.47 19.43 31.46
N ASP D 127 -55.88 20.15 30.53
CA ASP D 127 -56.43 20.31 29.20
C ASP D 127 -56.52 19.00 28.44
N GLU D 128 -55.46 18.21 28.49
CA GLU D 128 -55.42 16.96 27.74
C GLU D 128 -56.34 15.89 28.31
N ILE D 129 -56.43 15.85 29.63
CA ILE D 129 -57.35 14.93 30.29
C ILE D 129 -58.80 15.22 29.87
N SER D 130 -59.15 16.50 29.76
CA SER D 130 -60.50 16.88 29.38
C SER D 130 -60.81 16.51 27.93
N ILE D 131 -59.79 16.52 27.08
CA ILE D 131 -59.93 16.16 25.68
C ILE D 131 -60.25 14.68 25.50
N TRP D 132 -59.51 13.83 26.20
CA TRP D 132 -59.65 12.39 26.03
C TRP D 132 -60.68 11.79 26.98
N PHE D 133 -60.91 12.46 28.09
CA PHE D 133 -61.83 11.97 29.11
C PHE D 133 -62.76 13.09 29.56
N PRO D 134 -63.60 13.59 28.64
CA PRO D 134 -64.46 14.74 28.92
C PRO D 134 -65.41 14.45 30.07
N GLU D 135 -65.80 13.19 30.21
CA GLU D 135 -66.72 12.77 31.25
C GLU D 135 -66.15 13.02 32.65
N GLY E 5 25.35 -24.24 -19.63
CA GLY E 5 24.24 -23.42 -19.17
C GLY E 5 23.32 -23.01 -20.30
N LEU E 6 22.77 -24.01 -21.00
CA LEU E 6 21.87 -23.77 -22.12
C LEU E 6 20.57 -23.10 -21.69
N GLN E 7 20.21 -22.00 -22.38
CA GLN E 7 19.03 -21.23 -22.00
C GLN E 7 18.24 -20.77 -23.21
N ARG E 8 16.99 -20.39 -23.00
CA ARG E 8 16.22 -19.74 -24.05
C ARG E 8 15.72 -18.39 -23.58
N THR E 9 15.65 -17.44 -24.51
CA THR E 9 15.25 -16.07 -24.18
C THR E 9 14.32 -15.54 -25.26
N LEU E 10 13.56 -14.51 -24.94
CA LEU E 10 12.63 -13.93 -25.90
C LEU E 10 13.11 -12.58 -26.42
N VAL E 11 13.10 -12.43 -27.74
CA VAL E 11 13.48 -11.18 -28.37
C VAL E 11 12.31 -10.64 -29.18
N LEU E 12 12.07 -9.34 -29.07
CA LEU E 12 11.19 -8.65 -29.99
C LEU E 12 12.03 -7.72 -30.88
N ILE E 13 11.80 -7.80 -32.18
CA ILE E 13 12.34 -6.79 -33.08
C ILE E 13 11.24 -5.75 -33.29
N LYS E 14 11.50 -4.49 -32.92
CA LYS E 14 10.43 -3.48 -32.83
C LYS E 14 10.13 -2.77 -34.16
N PRO E 15 8.99 -2.03 -34.22
CA PRO E 15 8.58 -1.39 -35.47
C PRO E 15 9.61 -0.40 -36.05
N ASP E 16 10.42 0.24 -35.19
CA ASP E 16 11.44 1.15 -35.70
C ASP E 16 12.50 0.43 -36.53
N ALA E 17 12.76 -0.84 -36.21
CA ALA E 17 13.72 -1.62 -36.98
C ALA E 17 13.22 -1.85 -38.40
N PHE E 18 11.91 -2.07 -38.54
CA PHE E 18 11.32 -2.23 -39.86
C PHE E 18 11.34 -0.91 -40.62
N GLU E 19 10.97 0.15 -39.92
CA GLU E 19 10.94 1.47 -40.51
C GLU E 19 12.31 1.87 -41.03
N ARG E 20 13.36 1.49 -40.29
CA ARG E 20 14.72 1.90 -40.62
C ARG E 20 15.52 0.83 -41.38
N SER E 21 14.84 -0.26 -41.73
CA SER E 21 15.46 -1.36 -42.48
C SER E 21 16.68 -1.93 -41.75
N LEU E 22 16.49 -2.18 -40.47
CA LEU E 22 17.58 -2.70 -39.64
C LEU E 22 17.29 -4.10 -39.11
N VAL E 23 16.25 -4.75 -39.62
CA VAL E 23 15.85 -6.07 -39.12
C VAL E 23 16.99 -7.09 -39.25
N ALA E 24 17.56 -7.20 -40.45
CA ALA E 24 18.62 -8.17 -40.68
C ALA E 24 19.90 -7.81 -39.92
N GLU E 25 20.18 -6.52 -39.81
CA GLU E 25 21.36 -6.07 -39.08
C GLU E 25 21.28 -6.55 -37.63
N ILE E 26 20.11 -6.39 -37.02
CA ILE E 26 19.88 -6.79 -35.63
C ILE E 26 19.96 -8.30 -35.47
N MET E 27 19.23 -9.03 -36.31
CA MET E 27 19.26 -10.49 -36.25
C MET E 27 20.65 -11.05 -36.52
N GLY E 28 21.37 -10.40 -37.43
CA GLY E 28 22.73 -10.79 -37.75
C GLY E 28 23.69 -10.72 -36.56
N ARG E 29 23.52 -9.71 -35.71
CA ARG E 29 24.43 -9.56 -34.57
C ARG E 29 24.24 -10.71 -33.60
N ILE E 30 22.99 -11.16 -33.46
CA ILE E 30 22.69 -12.28 -32.57
C ILE E 30 23.15 -13.58 -33.20
N GLU E 31 22.95 -13.71 -34.52
CA GLU E 31 23.40 -14.88 -35.27
C GLU E 31 24.93 -15.05 -35.19
N LYS E 32 25.67 -13.95 -35.30
CA LYS E 32 27.13 -14.02 -35.33
C LYS E 32 27.73 -14.39 -33.98
N LYS E 33 26.93 -14.23 -32.93
CA LYS E 33 27.35 -14.61 -31.58
C LYS E 33 27.00 -16.09 -31.30
N ASN E 34 26.51 -16.76 -32.34
CA ASN E 34 26.24 -18.20 -32.32
C ASN E 34 24.99 -18.60 -31.54
N PHE E 35 24.00 -17.72 -31.46
CA PHE E 35 22.71 -18.11 -30.89
C PHE E 35 21.76 -18.57 -31.98
N LYS E 36 20.95 -19.59 -31.66
CA LYS E 36 20.09 -20.26 -32.63
C LYS E 36 18.61 -19.93 -32.44
N ILE E 37 17.92 -19.74 -33.57
CA ILE E 37 16.48 -19.53 -33.54
C ILE E 37 15.75 -20.83 -33.24
N VAL E 38 14.89 -20.80 -32.23
CA VAL E 38 14.10 -21.96 -31.80
C VAL E 38 12.67 -21.85 -32.30
N SER E 39 12.14 -20.63 -32.29
CA SER E 39 10.86 -20.34 -32.92
C SER E 39 10.79 -18.86 -33.25
N MET E 40 9.92 -18.50 -34.19
CA MET E 40 9.84 -17.13 -34.66
C MET E 40 8.47 -16.87 -35.25
N LYS E 41 7.92 -15.71 -34.94
CA LYS E 41 6.65 -15.27 -35.52
C LYS E 41 6.77 -13.86 -36.05
N PHE E 42 6.14 -13.61 -37.20
CA PHE E 42 6.03 -12.26 -37.75
C PHE E 42 4.61 -11.72 -37.57
N TRP E 43 4.51 -10.51 -37.05
CA TRP E 43 3.24 -9.86 -36.82
C TRP E 43 3.19 -8.56 -37.64
N SER E 44 2.31 -8.50 -38.63
CA SER E 44 2.17 -7.29 -39.42
C SER E 44 1.79 -6.14 -38.49
N LYS E 45 0.97 -6.48 -37.49
CA LYS E 45 0.61 -5.57 -36.41
C LYS E 45 0.22 -6.44 -35.21
N ALA E 46 1.03 -6.41 -34.16
CA ALA E 46 0.79 -7.27 -33.01
C ALA E 46 -0.53 -6.92 -32.34
N PRO E 47 -1.29 -7.94 -31.90
CA PRO E 47 -2.48 -7.72 -31.09
C PRO E 47 -2.12 -6.89 -29.86
N ARG E 48 -2.89 -5.84 -29.62
CA ARG E 48 -2.61 -4.94 -28.51
C ARG E 48 -2.53 -5.67 -27.16
N ASN E 49 -3.33 -6.71 -27.00
CA ASN E 49 -3.36 -7.46 -25.74
C ASN E 49 -2.02 -8.11 -25.42
N LEU E 50 -1.38 -8.69 -26.44
CA LEU E 50 -0.05 -9.26 -26.31
C LEU E 50 0.97 -8.21 -25.85
N ILE E 51 0.90 -7.04 -26.44
CA ILE E 51 1.78 -5.94 -26.06
C ILE E 51 1.53 -5.52 -24.61
N GLU E 52 0.26 -5.42 -24.23
CA GLU E 52 -0.09 -5.00 -22.88
C GLU E 52 0.38 -6.00 -21.83
N GLN E 53 0.27 -7.29 -22.15
CA GLN E 53 0.79 -8.33 -21.27
C GLN E 53 2.31 -8.22 -21.20
N HIS E 54 2.94 -8.09 -22.36
CA HIS E 54 4.40 -8.06 -22.41
C HIS E 54 4.97 -6.97 -21.51
N TYR E 55 4.34 -5.81 -21.51
CA TYR E 55 4.81 -4.68 -20.71
C TYR E 55 3.95 -4.44 -19.47
N LYS E 56 3.32 -5.51 -18.98
CA LYS E 56 2.40 -5.43 -17.84
C LYS E 56 3.00 -4.72 -16.63
N GLU E 57 4.26 -5.01 -16.35
CA GLU E 57 4.95 -4.41 -15.21
C GLU E 57 5.02 -2.89 -15.28
N HIS E 58 4.87 -2.35 -16.48
CA HIS E 58 4.95 -0.91 -16.69
C HIS E 58 3.57 -0.24 -16.72
N SER E 59 2.53 -1.03 -16.48
CA SER E 59 1.16 -0.52 -16.65
C SER E 59 0.84 0.71 -15.78
N GLU E 60 1.63 0.93 -14.74
CA GLU E 60 1.40 2.06 -13.84
C GLU E 60 2.24 3.30 -14.19
N GLN E 61 3.16 3.14 -15.14
CA GLN E 61 4.03 4.24 -15.54
C GLN E 61 3.31 5.17 -16.51
N SER E 62 3.75 6.43 -16.55
CA SER E 62 3.11 7.43 -17.39
C SER E 62 3.28 7.15 -18.89
N TYR E 63 4.30 6.36 -19.24
CA TYR E 63 4.62 6.11 -20.64
C TYR E 63 3.95 4.87 -21.23
N PHE E 64 3.29 4.09 -20.38
CA PHE E 64 2.69 2.82 -20.78
C PHE E 64 1.92 2.88 -22.10
N ASN E 65 0.88 3.72 -22.14
CA ASN E 65 0.00 3.81 -23.30
C ASN E 65 0.71 4.23 -24.58
N ASP E 66 1.58 5.23 -24.46
CA ASP E 66 2.32 5.71 -25.63
C ASP E 66 3.29 4.66 -26.14
N ASN E 67 3.92 3.93 -25.22
CA ASN E 67 4.80 2.83 -25.61
C ASN E 67 4.06 1.72 -26.33
N CYS E 68 2.86 1.38 -25.85
CA CYS E 68 2.04 0.37 -26.50
C CYS E 68 1.67 0.81 -27.90
N ASP E 69 1.31 2.09 -28.05
CA ASP E 69 0.98 2.65 -29.36
C ASP E 69 2.15 2.46 -30.32
N PHE E 70 3.35 2.83 -29.88
CA PHE E 70 4.54 2.65 -30.70
C PHE E 70 4.70 1.19 -31.11
N MET E 71 4.51 0.28 -30.16
CA MET E 71 4.73 -1.14 -30.42
C MET E 71 3.72 -1.78 -31.38
N VAL E 72 2.61 -1.09 -31.62
CA VAL E 72 1.68 -1.55 -32.66
C VAL E 72 1.69 -0.65 -33.90
N SER E 73 2.68 0.25 -33.98
CA SER E 73 2.73 1.23 -35.09
C SER E 73 3.30 0.64 -36.37
N GLY E 74 3.76 -0.61 -36.29
CA GLY E 74 4.34 -1.29 -37.42
C GLY E 74 4.55 -2.75 -37.08
N PRO E 75 5.20 -3.50 -37.97
CA PRO E 75 5.37 -4.94 -37.70
C PRO E 75 6.31 -5.19 -36.53
N ILE E 76 6.19 -6.37 -35.93
CA ILE E 76 7.23 -6.85 -35.04
C ILE E 76 7.53 -8.30 -35.35
N ILE E 77 8.72 -8.75 -34.96
CA ILE E 77 9.05 -10.17 -35.00
C ILE E 77 9.32 -10.62 -33.56
N SER E 78 8.69 -11.73 -33.16
CA SER E 78 8.98 -12.33 -31.86
C SER E 78 9.83 -13.59 -32.07
N ILE E 79 10.94 -13.71 -31.34
CA ILE E 79 11.91 -14.79 -31.57
C ILE E 79 12.30 -15.44 -30.25
N VAL E 80 12.32 -16.76 -30.23
CA VAL E 80 12.94 -17.47 -29.12
C VAL E 80 14.33 -17.91 -29.54
N TYR E 81 15.35 -17.42 -28.83
CA TYR E 81 16.72 -17.77 -29.13
C TYR E 81 17.23 -18.75 -28.09
N GLU E 82 18.09 -19.67 -28.51
CA GLU E 82 18.67 -20.66 -27.61
C GLU E 82 20.19 -20.69 -27.70
N GLY E 83 20.84 -20.80 -26.53
CA GLY E 83 22.28 -20.90 -26.47
C GLY E 83 22.81 -20.84 -25.04
N THR E 84 24.09 -21.11 -24.88
CA THR E 84 24.74 -21.00 -23.57
C THR E 84 24.58 -19.60 -23.01
N ASP E 85 24.06 -19.49 -21.79
CA ASP E 85 23.96 -18.20 -21.12
C ASP E 85 23.19 -17.18 -21.96
N ALA E 86 22.23 -17.66 -22.74
CA ALA E 86 21.52 -16.83 -23.72
C ALA E 86 20.86 -15.57 -23.16
N ILE E 87 20.19 -15.70 -22.02
CA ILE E 87 19.47 -14.55 -21.45
C ILE E 87 20.39 -13.36 -21.19
N SER E 88 21.46 -13.61 -20.42
CA SER E 88 22.42 -12.57 -20.10
C SER E 88 23.19 -12.10 -21.33
N LYS E 89 23.59 -13.03 -22.19
CA LYS E 89 24.44 -12.67 -23.32
C LYS E 89 23.70 -11.84 -24.36
N ILE E 90 22.46 -12.20 -24.65
CA ILE E 90 21.67 -11.45 -25.63
C ILE E 90 21.21 -10.13 -25.02
N ARG E 91 21.03 -10.10 -23.71
CA ARG E 91 20.77 -8.85 -23.01
C ARG E 91 21.92 -7.89 -23.18
N ARG E 92 23.13 -8.42 -23.08
CA ARG E 92 24.34 -7.61 -23.19
C ARG E 92 24.52 -7.11 -24.63
N LEU E 93 24.13 -7.96 -25.58
CA LEU E 93 24.21 -7.65 -27.01
C LEU E 93 23.26 -6.49 -27.34
N GLN E 94 22.07 -6.53 -26.74
CA GLN E 94 21.11 -5.45 -26.85
C GLN E 94 21.69 -4.15 -26.30
N GLY E 95 22.29 -4.24 -25.13
CA GLY E 95 22.95 -3.10 -24.50
C GLY E 95 22.03 -1.92 -24.24
N ASN E 96 22.55 -0.71 -24.44
CA ASN E 96 21.79 0.50 -24.22
C ASN E 96 22.30 1.59 -25.15
N ILE E 97 21.61 2.71 -25.23
CA ILE E 97 21.96 3.71 -26.24
C ILE E 97 23.25 4.47 -25.90
N LEU E 98 23.83 4.18 -24.74
CA LEU E 98 25.06 4.83 -24.29
C LEU E 98 26.32 4.00 -24.53
N THR E 99 26.15 2.76 -24.99
CA THR E 99 27.27 1.82 -25.06
C THR E 99 27.56 1.33 -26.48
N PRO E 100 28.47 2.02 -27.19
CA PRO E 100 28.83 1.54 -28.54
C PRO E 100 29.33 0.09 -28.53
N GLY E 101 29.13 -0.62 -29.63
CA GLY E 101 29.43 -2.03 -29.70
C GLY E 101 28.19 -2.90 -29.50
N THR E 102 27.14 -2.33 -28.91
CA THR E 102 25.89 -3.07 -28.72
C THR E 102 24.87 -2.66 -29.77
N ILE E 103 23.76 -3.39 -29.86
CA ILE E 103 22.73 -3.06 -30.83
C ILE E 103 22.17 -1.66 -30.58
N ARG E 104 21.72 -1.41 -29.36
CA ARG E 104 21.18 -0.09 -29.04
C ARG E 104 22.28 0.97 -29.08
N GLY E 105 23.49 0.58 -28.67
CA GLY E 105 24.62 1.50 -28.62
C GLY E 105 25.04 2.01 -29.98
N ASP E 106 24.96 1.14 -30.99
CA ASP E 106 25.40 1.50 -32.33
C ASP E 106 24.28 2.08 -33.17
N LEU E 107 23.04 1.68 -32.89
CA LEU E 107 21.96 1.91 -33.84
C LEU E 107 20.77 2.74 -33.36
N ALA E 108 20.61 2.86 -32.05
CA ALA E 108 19.44 3.55 -31.51
C ALA E 108 19.82 4.82 -30.79
N ASN E 109 18.89 5.77 -30.76
CA ASN E 109 19.12 7.03 -30.07
C ASN E 109 17.87 7.57 -29.39
N ASP E 110 17.03 6.67 -28.92
CA ASP E 110 15.80 7.07 -28.25
C ASP E 110 15.45 6.11 -27.12
N ILE E 111 14.73 6.62 -26.12
CA ILE E 111 14.36 5.84 -24.96
C ILE E 111 13.21 4.87 -25.26
N ARG E 112 12.39 5.20 -26.24
CA ARG E 112 11.25 4.37 -26.63
C ARG E 112 11.52 3.61 -27.93
N GLU E 113 11.98 4.33 -28.96
CA GLU E 113 12.33 3.70 -30.22
C GLU E 113 13.75 3.16 -30.12
N ASN E 114 13.89 1.98 -29.53
CA ASN E 114 15.19 1.38 -29.30
C ASN E 114 15.36 -0.01 -29.90
N LEU E 115 14.59 -0.30 -30.96
CA LEU E 115 14.86 -1.38 -31.92
C LEU E 115 14.60 -2.82 -31.49
N ILE E 116 14.94 -3.13 -30.25
CA ILE E 116 14.91 -4.52 -29.81
C ILE E 116 14.56 -4.65 -28.33
N HIS E 117 13.81 -5.69 -27.99
CA HIS E 117 13.65 -6.10 -26.61
C HIS E 117 14.26 -7.49 -26.42
N ALA E 118 14.96 -7.69 -25.31
CA ALA E 118 15.42 -9.03 -24.92
C ALA E 118 15.07 -9.25 -23.45
N SER E 119 14.62 -10.46 -23.10
CA SER E 119 14.29 -10.79 -21.71
C SER E 119 15.44 -10.45 -20.76
N ASP E 120 15.10 -9.89 -19.60
CA ASP E 120 16.13 -9.42 -18.67
C ASP E 120 16.44 -10.38 -17.52
N SER E 121 15.76 -11.52 -17.48
CA SER E 121 15.95 -12.48 -16.40
C SER E 121 15.33 -13.83 -16.70
N GLU E 122 15.67 -14.83 -15.88
CA GLU E 122 15.08 -16.16 -16.05
C GLU E 122 13.55 -16.11 -15.98
N ASP E 123 13.02 -15.44 -14.96
CA ASP E 123 11.57 -15.40 -14.76
C ASP E 123 10.86 -14.67 -15.89
N SER E 124 11.41 -13.54 -16.33
CA SER E 124 10.76 -12.78 -17.38
C SER E 124 10.84 -13.49 -18.74
N ALA E 125 11.90 -14.25 -18.96
CA ALA E 125 12.03 -15.01 -20.20
C ALA E 125 10.96 -16.08 -20.27
N VAL E 126 10.78 -16.79 -19.16
CA VAL E 126 9.73 -17.80 -19.08
C VAL E 126 8.38 -17.14 -19.38
N ASP E 127 8.12 -16.03 -18.71
CA ASP E 127 6.86 -15.33 -18.85
C ASP E 127 6.64 -14.83 -20.29
N GLU E 128 7.65 -14.18 -20.85
CA GLU E 128 7.53 -13.57 -22.18
C GLU E 128 7.39 -14.63 -23.27
N ILE E 129 8.10 -15.75 -23.12
CA ILE E 129 7.95 -16.84 -24.07
C ILE E 129 6.53 -17.40 -24.04
N SER E 130 5.94 -17.47 -22.85
CA SER E 130 4.58 -17.97 -22.73
C SER E 130 3.58 -17.02 -23.41
N ILE E 131 3.89 -15.73 -23.41
CA ILE E 131 3.01 -14.74 -24.03
C ILE E 131 2.98 -14.86 -25.55
N TRP E 132 4.16 -14.90 -26.16
CA TRP E 132 4.28 -14.87 -27.62
C TRP E 132 4.20 -16.25 -28.24
N PHE E 133 4.55 -17.26 -27.45
CA PHE E 133 4.55 -18.63 -27.93
C PHE E 133 3.85 -19.55 -26.93
N PRO E 134 2.53 -19.38 -26.78
CA PRO E 134 1.76 -20.15 -25.79
C PRO E 134 1.77 -21.65 -26.06
N GLU E 135 1.80 -22.02 -27.35
CA GLU E 135 1.88 -23.42 -27.74
C GLU E 135 2.97 -24.12 -26.93
N THR E 136 3.99 -23.36 -26.55
CA THR E 136 5.04 -23.86 -25.67
C THR E 136 4.45 -24.30 -24.33
N GLY F 5 -30.41 11.54 7.03
CA GLY F 5 -30.13 11.22 8.42
C GLY F 5 -29.61 9.81 8.61
N LEU F 6 -29.93 8.95 7.64
CA LEU F 6 -29.50 7.54 7.69
C LEU F 6 -27.99 7.43 7.71
N GLN F 7 -27.46 6.62 8.63
CA GLN F 7 -26.01 6.44 8.78
C GLN F 7 -25.66 4.99 9.08
N ARG F 8 -24.39 4.65 8.87
CA ARG F 8 -23.86 3.35 9.26
C ARG F 8 -22.73 3.50 10.27
N THR F 9 -22.69 2.58 11.23
CA THR F 9 -21.65 2.61 12.25
C THR F 9 -21.12 1.19 12.51
N LEU F 10 -19.90 1.10 13.04
CA LEU F 10 -19.32 -0.19 13.35
C LEU F 10 -19.32 -0.44 14.85
N VAL F 11 -19.85 -1.59 15.24
CA VAL F 11 -19.82 -2.03 16.63
C VAL F 11 -19.02 -3.31 16.77
N LEU F 12 -18.22 -3.39 17.83
CA LEU F 12 -17.58 -4.64 18.18
C LEU F 12 -18.15 -5.10 19.50
N ILE F 13 -18.56 -6.36 19.56
CA ILE F 13 -18.91 -6.99 20.83
C ILE F 13 -17.67 -7.74 21.33
N LYS F 14 -17.19 -7.34 22.50
CA LYS F 14 -15.87 -7.76 22.96
C LYS F 14 -15.86 -9.10 23.69
N PRO F 15 -14.67 -9.68 23.90
CA PRO F 15 -14.61 -11.02 24.49
C PRO F 15 -15.23 -11.13 25.88
N ASP F 16 -15.26 -10.03 26.63
CA ASP F 16 -15.87 -10.08 27.97
C ASP F 16 -17.39 -10.30 27.90
N ALA F 17 -18.02 -9.85 26.82
CA ALA F 17 -19.45 -10.09 26.63
C ALA F 17 -19.71 -11.58 26.46
N PHE F 18 -18.80 -12.25 25.76
CA PHE F 18 -18.94 -13.70 25.56
C PHE F 18 -18.72 -14.43 26.88
N GLU F 19 -17.67 -14.04 27.60
CA GLU F 19 -17.36 -14.70 28.86
C GLU F 19 -18.51 -14.55 29.86
N ARG F 20 -19.14 -13.39 29.85
CA ARG F 20 -20.19 -13.07 30.81
C ARG F 20 -21.60 -13.35 30.29
N SER F 21 -21.68 -13.93 29.09
CA SER F 21 -22.97 -14.26 28.48
C SER F 21 -23.90 -13.04 28.33
N LEU F 22 -23.33 -11.93 27.86
CA LEU F 22 -24.09 -10.68 27.69
C LEU F 22 -24.24 -10.28 26.22
N VAL F 23 -23.92 -11.19 25.31
CA VAL F 23 -23.94 -10.88 23.89
C VAL F 23 -25.34 -10.46 23.43
N ALA F 24 -26.32 -11.29 23.71
CA ALA F 24 -27.69 -10.99 23.31
C ALA F 24 -28.24 -9.76 24.06
N GLU F 25 -27.90 -9.62 25.33
CA GLU F 25 -28.33 -8.44 26.08
C GLU F 25 -27.87 -7.13 25.40
N ILE F 26 -26.60 -7.10 25.00
CA ILE F 26 -26.03 -5.92 24.34
C ILE F 26 -26.66 -5.70 22.97
N MET F 27 -26.74 -6.76 22.17
CA MET F 27 -27.34 -6.65 20.84
C MET F 27 -28.81 -6.24 20.92
N GLY F 28 -29.50 -6.76 21.93
CA GLY F 28 -30.89 -6.44 22.18
C GLY F 28 -31.13 -4.97 22.43
N ARG F 29 -30.26 -4.34 23.21
CA ARG F 29 -30.43 -2.92 23.51
C ARG F 29 -30.35 -2.10 22.23
N ILE F 30 -29.47 -2.51 21.31
CA ILE F 30 -29.37 -1.81 20.03
C ILE F 30 -30.58 -2.10 19.12
N GLU F 31 -30.98 -3.36 19.10
CA GLU F 31 -32.13 -3.78 18.31
C GLU F 31 -33.40 -3.07 18.77
N LYS F 32 -33.52 -2.90 20.09
CA LYS F 32 -34.70 -2.27 20.66
C LYS F 32 -34.82 -0.77 20.34
N LYS F 33 -33.69 -0.15 20.02
CA LYS F 33 -33.72 1.26 19.64
C LYS F 33 -33.91 1.42 18.13
N ASN F 34 -34.24 0.31 17.47
CA ASN F 34 -34.69 0.31 16.09
C ASN F 34 -33.58 0.45 15.06
N PHE F 35 -32.37 0.00 15.42
CA PHE F 35 -31.27 -0.03 14.46
C PHE F 35 -31.16 -1.43 13.87
N LYS F 36 -30.77 -1.50 12.59
CA LYS F 36 -30.78 -2.75 11.85
C LYS F 36 -29.38 -3.23 11.49
N ILE F 37 -29.19 -4.54 11.51
CA ILE F 37 -27.93 -5.14 11.11
C ILE F 37 -27.86 -5.20 9.59
N VAL F 38 -26.81 -4.62 9.03
CA VAL F 38 -26.60 -4.68 7.59
C VAL F 38 -25.47 -5.64 7.23
N SER F 39 -24.51 -5.79 8.14
CA SER F 39 -23.44 -6.77 7.98
C SER F 39 -22.98 -7.24 9.36
N MET F 40 -22.51 -8.49 9.42
CA MET F 40 -22.04 -9.05 10.69
C MET F 40 -21.12 -10.24 10.47
N LYS F 41 -20.01 -10.25 11.19
CA LYS F 41 -19.08 -11.38 11.16
C LYS F 41 -18.78 -11.84 12.58
N PHE F 42 -18.66 -13.15 12.77
CA PHE F 42 -18.25 -13.74 14.05
C PHE F 42 -16.82 -14.25 13.93
N TRP F 43 -15.99 -13.88 14.90
CA TRP F 43 -14.59 -14.31 14.93
C TRP F 43 -14.33 -15.08 16.21
N SER F 44 -14.08 -16.38 16.10
CA SER F 44 -13.73 -17.18 17.27
C SER F 44 -12.51 -16.57 17.96
N LYS F 45 -11.59 -16.06 17.14
CA LYS F 45 -10.45 -15.26 17.61
C LYS F 45 -10.07 -14.31 16.48
N ALA F 46 -10.23 -13.01 16.71
CA ALA F 46 -9.93 -12.02 15.68
C ALA F 46 -8.45 -12.00 15.33
N PRO F 47 -8.13 -11.96 14.02
CA PRO F 47 -6.75 -11.75 13.59
C PRO F 47 -6.17 -10.51 14.25
N ARG F 48 -4.98 -10.63 14.82
CA ARG F 48 -4.39 -9.54 15.55
C ARG F 48 -4.20 -8.28 14.70
N ASN F 49 -3.96 -8.47 13.41
CA ASN F 49 -3.75 -7.32 12.51
C ASN F 49 -4.95 -6.39 12.48
N LEU F 50 -6.14 -6.99 12.40
CA LEU F 50 -7.39 -6.23 12.37
C LEU F 50 -7.58 -5.45 13.67
N ILE F 51 -7.26 -6.09 14.79
CA ILE F 51 -7.33 -5.43 16.09
C ILE F 51 -6.36 -4.27 16.16
N GLU F 52 -5.14 -4.48 15.67
CA GLU F 52 -4.12 -3.42 15.70
C GLU F 52 -4.51 -2.24 14.78
N GLN F 53 -5.09 -2.54 13.63
CA GLN F 53 -5.61 -1.48 12.76
C GLN F 53 -6.70 -0.70 13.47
N HIS F 54 -7.64 -1.43 14.05
CA HIS F 54 -8.79 -0.83 14.71
C HIS F 54 -8.35 0.18 15.77
N TYR F 55 -7.32 -0.19 16.53
CA TYR F 55 -6.86 0.64 17.63
C TYR F 55 -5.55 1.37 17.30
N LYS F 56 -5.32 1.57 16.01
CA LYS F 56 -4.07 2.18 15.55
C LYS F 56 -3.73 3.49 16.26
N GLU F 57 -4.75 4.28 16.61
CA GLU F 57 -4.53 5.54 17.29
C GLU F 57 -3.86 5.38 18.66
N HIS F 58 -3.91 4.17 19.20
CA HIS F 58 -3.36 3.91 20.53
C HIS F 58 -2.02 3.19 20.47
N SER F 59 -1.51 2.99 19.26
CA SER F 59 -0.29 2.21 19.07
C SER F 59 0.88 2.70 19.92
N GLU F 60 0.87 3.99 20.25
CA GLU F 60 1.94 4.57 21.07
C GLU F 60 1.64 4.58 22.58
N GLN F 61 0.38 4.33 22.94
CA GLN F 61 -0.01 4.25 24.35
C GLN F 61 0.61 3.02 25.01
N SER F 62 0.77 3.07 26.32
CA SER F 62 1.41 1.97 27.05
C SER F 62 0.48 0.76 27.19
N TYR F 63 -0.81 0.99 27.01
CA TYR F 63 -1.80 -0.08 27.16
C TYR F 63 -2.14 -0.76 25.84
N PHE F 64 -1.38 -0.45 24.80
CA PHE F 64 -1.71 -0.95 23.46
C PHE F 64 -1.71 -2.47 23.35
N ASN F 65 -0.57 -3.09 23.64
CA ASN F 65 -0.46 -4.54 23.48
C ASN F 65 -1.36 -5.27 24.46
N ASP F 66 -1.46 -4.75 25.69
CA ASP F 66 -2.36 -5.33 26.68
C ASP F 66 -3.81 -5.29 26.20
N ASN F 67 -4.24 -4.16 25.66
CA ASN F 67 -5.59 -4.05 25.13
C ASN F 67 -5.80 -4.98 23.94
N CYS F 68 -4.81 -5.05 23.06
CA CYS F 68 -4.89 -5.97 21.93
C CYS F 68 -4.99 -7.42 22.40
N ASP F 69 -4.22 -7.76 23.43
CA ASP F 69 -4.26 -9.10 24.02
C ASP F 69 -5.67 -9.44 24.50
N PHE F 70 -6.29 -8.50 25.20
CA PHE F 70 -7.65 -8.70 25.67
C PHE F 70 -8.59 -8.94 24.49
N MET F 71 -8.43 -8.15 23.44
CA MET F 71 -9.34 -8.22 22.31
C MET F 71 -9.24 -9.53 21.53
N VAL F 72 -8.15 -10.27 21.73
CA VAL F 72 -8.03 -11.60 21.11
C VAL F 72 -8.16 -12.75 22.12
N SER F 73 -8.57 -12.44 23.35
CA SER F 73 -8.62 -13.45 24.42
C SER F 73 -9.86 -14.31 24.36
N GLY F 74 -10.74 -13.99 23.40
CA GLY F 74 -12.00 -14.68 23.23
C GLY F 74 -12.66 -14.21 21.96
N PRO F 75 -13.88 -14.67 21.68
CA PRO F 75 -14.53 -14.28 20.42
C PRO F 75 -14.93 -12.81 20.37
N ILE F 76 -15.13 -12.34 19.15
CA ILE F 76 -15.65 -11.00 18.92
C ILE F 76 -16.69 -11.10 17.81
N ILE F 77 -17.67 -10.20 17.84
CA ILE F 77 -18.55 -10.03 16.69
C ILE F 77 -18.34 -8.61 16.19
N SER F 78 -18.15 -8.46 14.88
CA SER F 78 -18.13 -7.14 14.26
C SER F 78 -19.44 -6.93 13.53
N ILE F 79 -20.08 -5.79 13.76
CA ILE F 79 -21.42 -5.54 13.20
C ILE F 79 -21.47 -4.17 12.58
N VAL F 80 -22.08 -4.07 11.40
CA VAL F 80 -22.42 -2.76 10.85
C VAL F 80 -23.92 -2.53 11.09
N TYR F 81 -24.23 -1.48 11.83
CA TYR F 81 -25.62 -1.13 12.11
C TYR F 81 -26.01 0.07 11.27
N GLU F 82 -27.27 0.13 10.89
CA GLU F 82 -27.81 1.22 10.08
C GLU F 82 -29.08 1.80 10.70
N GLY F 83 -29.21 3.12 10.66
CA GLY F 83 -30.40 3.79 11.15
C GLY F 83 -30.17 5.28 11.19
N THR F 84 -31.23 6.03 11.50
CA THR F 84 -31.10 7.48 11.61
C THR F 84 -30.09 7.86 12.70
N ASP F 85 -29.11 8.67 12.32
CA ASP F 85 -28.15 9.23 13.28
C ASP F 85 -27.41 8.11 14.03
N ALA F 86 -27.22 6.99 13.36
CA ALA F 86 -26.71 5.77 14.01
C ALA F 86 -25.40 5.94 14.79
N ILE F 87 -24.47 6.72 14.25
CA ILE F 87 -23.18 6.85 14.90
C ILE F 87 -23.33 7.47 16.29
N SER F 88 -23.93 8.66 16.35
CA SER F 88 -24.09 9.35 17.62
C SER F 88 -24.98 8.56 18.57
N LYS F 89 -26.08 8.04 18.04
CA LYS F 89 -27.07 7.35 18.86
C LYS F 89 -26.51 6.08 19.51
N ILE F 90 -25.79 5.28 18.72
CA ILE F 90 -25.26 4.03 19.26
C ILE F 90 -24.08 4.31 20.20
N ARG F 91 -23.32 5.36 19.88
CA ARG F 91 -22.33 5.89 20.82
C ARG F 91 -22.94 6.25 22.17
N ARG F 92 -24.11 6.87 22.16
CA ARG F 92 -24.79 7.23 23.40
C ARG F 92 -25.30 5.99 24.12
N LEU F 93 -25.75 5.01 23.35
CA LEU F 93 -26.24 3.77 23.92
C LEU F 93 -25.10 3.03 24.63
N GLN F 94 -23.93 3.00 24.00
CA GLN F 94 -22.72 2.46 24.63
C GLN F 94 -22.39 3.16 25.95
N GLY F 95 -22.37 4.48 25.92
CA GLY F 95 -22.10 5.27 27.12
C GLY F 95 -20.74 5.01 27.75
N ASN F 96 -20.70 5.07 29.07
CA ASN F 96 -19.50 4.77 29.84
C ASN F 96 -19.86 4.17 31.19
N ILE F 97 -18.87 3.72 31.95
CA ILE F 97 -19.15 2.96 33.16
C ILE F 97 -19.71 3.82 34.28
N LEU F 98 -19.78 5.12 34.06
CA LEU F 98 -20.30 6.05 35.06
C LEU F 98 -21.78 6.36 34.84
N THR F 99 -22.34 5.92 33.72
CA THR F 99 -23.65 6.42 33.29
C THR F 99 -24.74 5.35 33.22
N PRO F 100 -25.51 5.19 34.31
CA PRO F 100 -26.62 4.21 34.30
C PRO F 100 -27.60 4.48 33.16
N GLY F 101 -28.15 3.42 32.58
CA GLY F 101 -29.05 3.55 31.44
C GLY F 101 -28.36 3.13 30.16
N THR F 102 -27.04 3.22 30.15
CA THR F 102 -26.26 2.85 28.97
C THR F 102 -25.71 1.44 29.12
N ILE F 103 -25.20 0.89 28.03
CA ILE F 103 -24.66 -0.48 28.05
C ILE F 103 -23.50 -0.61 29.04
N ARG F 104 -22.48 0.24 28.88
CA ARG F 104 -21.34 0.23 29.78
C ARG F 104 -21.75 0.65 31.19
N GLY F 105 -22.70 1.57 31.27
CA GLY F 105 -23.11 2.10 32.56
C GLY F 105 -23.82 1.07 33.41
N ASP F 106 -24.62 0.22 32.77
CA ASP F 106 -25.39 -0.81 33.46
C ASP F 106 -24.63 -2.12 33.68
N LEU F 107 -23.68 -2.41 32.80
CA LEU F 107 -23.17 -3.78 32.71
C LEU F 107 -21.66 -3.92 32.88
N ALA F 108 -20.93 -2.82 32.76
CA ALA F 108 -19.47 -2.88 32.83
C ALA F 108 -18.89 -2.08 34.00
N ASN F 109 -17.71 -2.49 34.45
CA ASN F 109 -17.07 -1.81 35.57
C ASN F 109 -15.55 -1.82 35.45
N ASP F 110 -15.06 -1.66 34.23
CA ASP F 110 -13.63 -1.66 33.95
C ASP F 110 -13.36 -0.79 32.74
N ILE F 111 -12.19 -0.17 32.68
CA ILE F 111 -11.87 0.69 31.54
C ILE F 111 -11.38 -0.09 30.33
N ARG F 112 -10.98 -1.34 30.53
CA ARG F 112 -10.54 -2.18 29.42
C ARG F 112 -11.64 -3.18 29.02
N GLU F 113 -12.12 -3.92 30.02
CA GLU F 113 -13.18 -4.88 29.78
C GLU F 113 -14.54 -4.17 29.87
N ASN F 114 -14.95 -3.57 28.75
CA ASN F 114 -16.13 -2.73 28.74
C ASN F 114 -17.11 -3.12 27.62
N LEU F 115 -17.05 -4.39 27.22
CA LEU F 115 -18.16 -5.07 26.52
C LEU F 115 -18.38 -4.72 25.05
N ILE F 116 -18.27 -3.44 24.72
CA ILE F 116 -18.68 -2.99 23.39
C ILE F 116 -17.83 -1.81 22.94
N HIS F 117 -17.55 -1.78 21.64
CA HIS F 117 -16.99 -0.60 20.99
C HIS F 117 -17.99 -0.13 19.94
N ALA F 118 -18.16 1.20 19.83
CA ALA F 118 -18.95 1.80 18.75
C ALA F 118 -18.18 2.98 18.16
N SER F 119 -18.21 3.12 16.84
CA SER F 119 -17.48 4.21 16.20
C SER F 119 -17.88 5.54 16.83
N ASP F 120 -16.92 6.44 16.99
CA ASP F 120 -17.18 7.70 17.69
C ASP F 120 -17.26 8.93 16.79
N SER F 121 -17.20 8.72 15.47
CA SER F 121 -17.28 9.82 14.52
C SER F 121 -17.51 9.29 13.11
N GLU F 122 -17.87 10.19 12.20
CA GLU F 122 -18.12 9.81 10.82
C GLU F 122 -16.87 9.25 10.15
N ASP F 123 -15.73 9.86 10.42
CA ASP F 123 -14.46 9.40 9.86
C ASP F 123 -14.07 8.04 10.42
N SER F 124 -14.23 7.88 11.74
CA SER F 124 -13.94 6.60 12.39
C SER F 124 -14.83 5.48 11.88
N ALA F 125 -16.10 5.78 11.66
CA ALA F 125 -17.04 4.78 11.16
C ALA F 125 -16.64 4.26 9.79
N VAL F 126 -16.34 5.17 8.87
CA VAL F 126 -15.92 4.75 7.54
C VAL F 126 -14.64 3.90 7.64
N ASP F 127 -13.70 4.36 8.45
CA ASP F 127 -12.42 3.68 8.59
C ASP F 127 -12.58 2.29 9.21
N GLU F 128 -13.37 2.21 10.27
CA GLU F 128 -13.57 0.93 10.95
C GLU F 128 -14.37 -0.05 10.11
N ILE F 129 -15.39 0.45 9.41
CA ILE F 129 -16.15 -0.41 8.50
C ILE F 129 -15.22 -1.02 7.42
N SER F 130 -14.29 -0.20 6.93
CA SER F 130 -13.36 -0.69 5.91
C SER F 130 -12.38 -1.75 6.43
N ILE F 131 -12.07 -1.68 7.72
CA ILE F 131 -11.19 -2.66 8.34
C ILE F 131 -11.86 -4.02 8.48
N TRP F 132 -13.06 -4.02 9.06
CA TRP F 132 -13.76 -5.26 9.36
C TRP F 132 -14.56 -5.81 8.18
N PHE F 133 -14.91 -4.92 7.26
CA PHE F 133 -15.70 -5.31 6.10
C PHE F 133 -15.17 -4.69 4.80
N PRO F 134 -14.00 -5.18 4.34
CA PRO F 134 -13.44 -4.70 3.07
C PRO F 134 -14.08 -5.43 1.89
PB GDP G . 40.53 14.47 -28.37
O1B GDP G . 39.58 13.53 -27.66
O2B GDP G . 40.86 15.61 -27.44
O3B GDP G . 41.79 13.72 -28.73
O3A GDP G . 39.83 15.05 -29.70
PA GDP G . 40.67 16.02 -30.67
O1A GDP G . 39.90 16.44 -31.89
O2A GDP G . 41.20 17.21 -29.90
O5' GDP G . 41.87 15.05 -31.12
C5' GDP G . 43.17 15.59 -31.27
C4' GDP G . 43.93 15.13 -30.05
O4' GDP G . 45.24 14.72 -30.41
C3' GDP G . 44.09 16.23 -29.01
O3' GDP G . 43.29 15.95 -27.85
C2' GDP G . 45.54 16.17 -28.58
O2' GDP G . 45.64 16.08 -27.16
C1' GDP G . 46.01 14.88 -29.22
N9 GDP G . 47.46 14.88 -29.51
C8 GDP G . 48.08 15.14 -30.68
N7 GDP G . 49.41 15.00 -30.54
C5 GDP G . 49.66 14.65 -29.27
C6 GDP G . 50.86 14.35 -28.43
O6 GDP G . 52.01 14.40 -28.93
N1 GDP G . 50.67 14.03 -27.15
C2 GDP G . 49.44 13.96 -26.59
N2 GDP G . 49.32 13.62 -25.29
N3 GDP G . 48.30 14.23 -27.29
C4 GDP G . 48.36 14.57 -28.60
P PO4 H . 42.45 9.01 -28.05
O1 PO4 H . 42.59 7.56 -27.64
O2 PO4 H . 40.99 9.38 -27.98
O3 PO4 H . 43.03 9.22 -29.43
O4 PO4 H . 43.23 9.87 -27.09
MG MG I . 37.25 15.22 -30.10
PB GDP J . -30.11 8.53 50.72
O1B GDP J . -29.73 9.66 51.66
O2B GDP J . -31.49 8.77 50.16
O3B GDP J . -29.16 8.52 49.55
O3A GDP J . -30.05 7.12 51.51
PA GDP J . -31.23 6.71 52.53
O1A GDP J . -32.55 6.89 51.82
O2A GDP J . -31.15 5.31 53.10
O5' GDP J . -31.10 7.79 53.71
C5' GDP J . -32.29 8.16 54.41
C4' GDP J . -33.02 9.15 53.51
O4' GDP J . -34.44 9.07 53.71
C3' GDP J . -32.61 10.59 53.76
O3' GDP J . -31.79 11.04 52.69
C2' GDP J . -33.90 11.37 53.80
O2' GDP J . -33.86 12.42 52.82
C1' GDP J . -34.97 10.36 53.41
N9 GDP J . -36.26 10.60 54.11
C8 GDP J . -37.03 9.66 54.70
N7 GDP J . -38.14 10.22 55.24
C5 GDP J . -38.09 11.55 54.99
C6 GDP J . -38.94 12.73 55.28
O6 GDP J . -40.01 12.61 55.90
N1 GDP J . -38.52 13.93 54.85
C2 GDP J . -37.36 14.08 54.17
N2 GDP J . -37.01 15.33 53.76
N3 GDP J . -36.55 13.05 53.88
C4 GDP J . -36.85 11.79 54.25
P PO4 K . -34.42 9.78 46.10
O1 PO4 K . -35.47 9.34 47.11
O2 PO4 K . -34.82 11.08 45.46
O3 PO4 K . -34.28 8.74 45.02
O4 PO4 K . -33.07 9.96 46.77
MG MG L . -28.45 5.39 50.41
PB GDP M . 42.55 -16.64 -23.11
O1B GDP M . 42.90 -15.26 -23.60
O2B GDP M . 43.47 -17.03 -21.97
O3B GDP M . 41.14 -16.66 -22.58
O3A GDP M . 42.69 -17.73 -24.29
PA GDP M . 44.14 -18.33 -24.64
O1A GDP M . 45.22 -17.30 -24.43
O2A GDP M . 44.23 -18.94 -26.02
O5' GDP M . 44.23 -19.45 -23.48
C5' GDP M . 43.37 -20.58 -23.50
C4' GDP M . 42.24 -20.30 -22.52
O4' GDP M . 41.17 -21.24 -22.66
C3' GDP M . 42.70 -20.38 -21.06
O3' GDP M . 42.76 -19.07 -20.50
C2' GDP M . 41.64 -21.19 -20.35
O2' GDP M . 41.13 -20.46 -19.24
C1' GDP M . 40.55 -21.41 -21.38
N9 GDP M . 39.93 -22.74 -21.25
C8 GDP M . 39.90 -23.70 -22.20
N7 GDP M . 39.23 -24.80 -21.75
C5 GDP M . 38.83 -24.54 -20.49
C6 GDP M . 38.09 -25.27 -19.44
O6 GDP M . 37.67 -26.43 -19.63
N1 GDP M . 37.89 -24.65 -18.26
C2 GDP M . 38.33 -23.41 -18.02
N2 GDP M . 38.09 -22.85 -16.80
N3 GDP M . 39.02 -22.68 -18.93
C4 GDP M . 39.30 -23.19 -20.16
P PO4 N . 37.02 -15.46 -22.64
O1 PO4 N . 37.38 -16.04 -21.29
O2 PO4 N . 35.68 -14.79 -22.54
O3 PO4 N . 36.95 -16.58 -23.65
O4 PO4 N . 38.07 -14.43 -23.01
MG MG O . 44.76 -15.00 -25.59
PB GDP P . -45.72 14.92 21.79
O1B GDP P . -46.50 15.56 22.91
O2B GDP P . -46.36 13.61 21.43
O3B GDP P . -45.74 15.85 20.60
O3A GDP P . -44.20 14.71 22.25
PA GDP P . -43.30 16.03 22.50
O1A GDP P . -44.19 17.24 22.72
O2A GDP P . -42.32 15.84 23.64
O5' GDP P . -42.54 16.15 21.09
C5' GDP P . -42.70 17.33 20.31
C4' GDP P . -43.55 16.96 19.11
O4' GDP P . -43.53 18.03 18.17
C3' GDP P . -43.05 15.71 18.41
O3' GDP P . -43.99 14.63 18.55
C2' GDP P . -42.91 16.06 16.94
O2' GDP P . -43.86 15.32 16.17
C1' GDP P . -43.21 17.55 16.85
N9 GDP P . -42.01 18.28 16.36
C8 GDP P . -41.38 19.26 17.04
N7 GDP P . -40.32 19.73 16.32
C5 GDP P . -40.27 19.02 15.17
C6 GDP P . -39.41 19.00 13.97
O6 GDP P . -38.43 19.79 13.87
N1 GDP P . -39.69 18.12 13.00
C2 GDP P . -40.72 17.26 13.09
N2 GDP P . -40.94 16.41 12.06
N3 GDP P . -41.56 17.23 14.16
C4 GDP P . -41.39 18.07 15.21
P PO4 Q . -37.81 13.59 21.19
O1 PO4 Q . -38.43 13.61 22.56
O2 PO4 Q . -37.81 15.00 20.63
O3 PO4 Q . -38.58 12.67 20.24
O4 PO4 Q . -36.39 13.09 21.33
MG MG R . -44.93 14.40 25.09
PB GDP S . 14.50 -2.23 -21.32
O1B GDP S . 15.52 -3.11 -20.63
O2B GDP S . 13.44 -1.85 -20.31
O3B GDP S . 15.18 -1.00 -21.86
O3A GDP S . 13.81 -3.05 -22.53
PA GDP S . 12.42 -2.50 -23.14
O1A GDP S . 12.00 -3.24 -24.39
O2A GDP S . 11.33 -2.59 -22.09
O5' GDP S . 12.81 -0.98 -23.46
C5' GDP S . 11.82 0.01 -23.74
C4' GDP S . 11.17 0.41 -22.43
O4' GDP S . 11.13 1.82 -22.31
C3' GDP S . 9.74 -0.08 -22.41
O3' GDP S . 9.48 -0.84 -21.21
C2' GDP S . 8.89 1.17 -22.39
O2' GDP S . 7.74 0.99 -21.56
C1' GDP S . 9.83 2.23 -21.86
N9 GDP S . 9.47 3.56 -22.41
C8 GDP S . 8.84 3.79 -23.58
N7 GDP S . 8.67 5.12 -23.76
C5 GDP S . 9.20 5.77 -22.71
C6 GDP S . 9.35 7.17 -22.28
O6 GDP S . 8.93 8.11 -22.98
N1 GDP S . 9.96 7.41 -21.11
C2 GDP S . 10.43 6.41 -20.32
N2 GDP S . 11.03 6.74 -19.16
N3 GDP S . 10.32 5.11 -20.66
C4 GDP S . 9.73 4.73 -21.81
P PO4 T . 18.35 2.16 -23.76
O1 PO4 T . 18.16 0.97 -22.84
O2 PO4 T . 19.10 3.25 -23.04
O3 PO4 T . 17.01 2.67 -24.27
O4 PO4 T . 19.17 1.75 -24.95
MG MG U . 14.63 -5.30 -23.44
PB GDP V . -13.69 3.74 24.10
O1B GDP V . -14.93 4.59 24.19
O2B GDP V . -12.59 4.56 23.46
O3B GDP V . -13.27 3.31 25.48
O3A GDP V . -13.98 2.44 23.19
PA GDP V . -12.81 1.38 22.95
O1A GDP V . -13.26 0.26 22.02
O2A GDP V . -11.60 2.08 22.38
O5' GDP V . -12.51 0.81 24.41
C5' GDP V . -11.18 0.43 24.75
C4' GDP V . -10.54 1.63 25.45
O4' GDP V . -10.18 1.33 26.80
C3' GDP V . -9.28 2.10 24.75
O3' GDP V . -9.60 3.17 23.84
C2' GDP V . -8.39 2.60 25.87
O2' GDP V . -8.38 4.04 25.86
C1' GDP V . -9.03 2.11 27.15
N9 GDP V . -8.05 1.27 27.90
C8 GDP V . -7.91 -0.06 27.79
N7 GDP V . -6.94 -0.52 28.61
C5 GDP V . -6.45 0.53 29.28
C6 GDP V . -5.40 0.75 30.32
O6 GDP V . -4.73 -0.20 30.76
N1 GDP V . -5.19 2.00 30.74
C2 GDP V . -5.90 3.05 30.28
N2 GDP V . -5.62 4.29 30.78
N3 GDP V . -6.87 2.92 29.34
C4 GDP V . -7.18 1.72 28.82
P PO4 W . -15.56 3.80 29.78
O1 PO4 W . -16.26 4.14 31.07
O2 PO4 W . -16.43 4.15 28.60
O3 PO4 W . -15.19 2.32 29.78
O4 PO4 W . -14.28 4.61 29.69
MG MG X . -16.04 2.71 21.47
#